data_8A0F
#
_entry.id   8A0F
#
_cell.length_a   105.241
_cell.length_b   105.241
_cell.length_c   160.220
_cell.angle_alpha   90.000
_cell.angle_beta   90.000
_cell.angle_gamma   120.000
#
_symmetry.space_group_name_H-M   'P 32 2 1'
#
loop_
_entity.id
_entity.type
_entity.pdbx_description
1 polymer 'Deoxyhypusine synthase'
2 non-polymer SPERMIDINE
3 non-polymer 1,2-ETHANEDIOL
4 non-polymer NICOTINAMIDE-ADENINE-DINUCLEOTIDE
5 non-polymer (4R)-2-METHYLPENTANE-2,4-DIOL
6 water water
#
_entity_poly.entity_id   1
_entity_poly.type   'polypeptide(L)'
_entity_poly.pdbx_seq_one_letter_code
;GSMEGSLEREAPAGALAAVLKHSSTLPPESTQVRGYDFNRGVNYRALLEAFGTTGFQATNFGRAVQQVNAMIEKKLEPLS
QDEDQHADLTQSRRPLTSCTIFLGYTSNLISSGIRETIRYLVQHNMVDVLVTTAGGVEEDLIKCLAPTYLGEFSLRGKEL
RENGINRIGNLLVPNENY(CSS)KFEDWLMPILDQMVMEQNTEGVKWTPSKMIARLGKEINNPESVYYWAQKNHIPVFSP
ALTDGSLGDMIFFHSYKNPGLVLDIVEDLRLINTQAIFAK(CSS)TGMIILGGGVVKHHIANANLMRNGADYAVYINTAQ
EFDGSDSGARPDEAVSWGAIRVDAQPVKVYADASLVFPLLVAETFAQKMDAFMHEKNED
;
_entity_poly.pdbx_strand_id   A,B
#
loop_
_chem_comp.id
_chem_comp.type
_chem_comp.name
_chem_comp.formula
EDO non-polymer 1,2-ETHANEDIOL 'C2 H6 O2'
MRD non-polymer (4R)-2-METHYLPENTANE-2,4-DIOL 'C6 H14 O2'
NAD non-polymer NICOTINAMIDE-ADENINE-DINUCLEOTIDE 'C21 H27 N7 O14 P2'
SPD non-polymer SPERMIDINE 'C7 H19 N3'
#
# COMPACT_ATOMS: atom_id res chain seq x y z
N SER A 30 -11.25 3.54 -38.76
CA SER A 30 -10.75 2.22 -38.36
C SER A 30 -9.29 2.01 -38.79
N THR A 31 -8.43 1.72 -37.81
CA THR A 31 -6.99 1.69 -38.02
C THR A 31 -6.49 0.25 -38.12
N GLN A 32 -5.65 0.00 -39.11
CA GLN A 32 -5.16 -1.34 -39.38
C GLN A 32 -3.96 -1.66 -38.48
N VAL A 33 -3.86 -2.96 -38.14
CA VAL A 33 -2.68 -3.45 -37.43
C VAL A 33 -1.49 -3.53 -38.37
N ARG A 34 -0.36 -2.96 -37.96
CA ARG A 34 0.85 -2.96 -38.75
C ARG A 34 2.04 -2.61 -37.87
N GLY A 35 3.04 -3.47 -37.85
CA GLY A 35 4.22 -3.20 -37.06
C GLY A 35 5.27 -2.38 -37.82
N TYR A 36 6.24 -1.90 -37.06
CA TYR A 36 7.35 -1.17 -37.67
C TYR A 36 8.14 -2.06 -38.63
N ASP A 37 8.50 -1.50 -39.79
CA ASP A 37 9.22 -2.23 -40.83
C ASP A 37 10.70 -1.87 -40.77
N PHE A 38 11.53 -2.82 -40.30
CA PHE A 38 12.97 -2.57 -40.17
C PHE A 38 13.67 -2.49 -41.54
N ASN A 39 12.99 -2.76 -42.65
CA ASN A 39 13.57 -2.38 -43.95
C ASN A 39 13.72 -0.87 -44.09
N ARG A 40 13.13 -0.08 -43.20
CA ARG A 40 13.38 1.35 -43.17
C ARG A 40 14.70 1.69 -42.51
N GLY A 41 15.36 0.72 -41.90
CA GLY A 41 16.44 0.99 -40.99
C GLY A 41 15.92 1.17 -39.58
N VAL A 42 16.78 1.74 -38.72
CA VAL A 42 16.45 1.94 -37.32
C VAL A 42 16.26 3.42 -37.01
N ASN A 43 15.03 3.89 -37.11
CA ASN A 43 14.61 5.21 -36.61
C ASN A 43 13.80 4.97 -35.33
N TYR A 44 14.41 5.26 -34.17
CA TYR A 44 13.77 4.90 -32.91
C TYR A 44 12.48 5.65 -32.66
N ARG A 45 12.34 6.90 -33.13
CA ARG A 45 11.09 7.60 -32.92
C ARG A 45 9.95 6.93 -33.70
N ALA A 46 10.21 6.61 -34.97
CA ALA A 46 9.23 5.89 -35.78
C ALA A 46 8.93 4.52 -35.18
N LEU A 47 9.95 3.86 -34.60
CA LEU A 47 9.74 2.57 -33.95
CA LEU A 47 9.72 2.57 -33.95
C LEU A 47 8.76 2.71 -32.78
N LEU A 48 8.97 3.73 -31.94
CA LEU A 48 8.07 3.93 -30.80
C LEU A 48 6.68 4.34 -31.27
N GLU A 49 6.58 5.18 -32.30
CA GLU A 49 5.28 5.56 -32.82
CA GLU A 49 5.28 5.56 -32.82
C GLU A 49 4.52 4.35 -33.34
N ALA A 50 5.22 3.36 -33.88
CA ALA A 50 4.55 2.19 -34.42
C ALA A 50 3.94 1.30 -33.32
N PHE A 51 4.30 1.48 -32.06
CA PHE A 51 3.62 0.69 -31.03
CA PHE A 51 3.62 0.77 -30.97
C PHE A 51 2.11 0.88 -31.10
N GLY A 52 1.64 2.07 -31.45
CA GLY A 52 0.21 2.35 -31.49
C GLY A 52 -0.57 1.41 -32.39
N THR A 53 0.03 1.00 -33.50
CA THR A 53 -0.65 0.08 -34.42
C THR A 53 -0.15 -1.35 -34.32
N THR A 54 0.60 -1.68 -33.27
CA THR A 54 1.13 -3.03 -33.14
C THR A 54 0.20 -3.97 -32.37
N GLY A 55 -0.65 -3.43 -31.49
CA GLY A 55 -1.63 -4.24 -30.78
C GLY A 55 -1.21 -4.57 -29.34
N PHE A 56 -2.19 -5.15 -28.62
CA PHE A 56 -2.00 -5.59 -27.24
C PHE A 56 -1.43 -4.45 -26.41
N GLN A 57 -0.47 -4.70 -25.50
CA GLN A 57 -0.04 -3.57 -24.67
C GLN A 57 0.79 -2.53 -25.44
N ALA A 58 1.36 -2.89 -26.59
CA ALA A 58 1.99 -1.86 -27.40
C ALA A 58 0.98 -0.79 -27.80
N THR A 59 -0.22 -1.20 -28.17
CA THR A 59 -1.26 -0.22 -28.49
C THR A 59 -1.63 0.62 -27.28
N ASN A 60 -1.70 0.00 -26.09
CA ASN A 60 -2.01 0.78 -24.90
C ASN A 60 -0.90 1.78 -24.61
N PHE A 61 0.35 1.42 -24.89
CA PHE A 61 1.43 2.39 -24.74
C PHE A 61 1.20 3.60 -25.63
N GLY A 62 0.81 3.39 -26.89
CA GLY A 62 0.54 4.51 -27.78
C GLY A 62 -0.58 5.37 -27.28
N ARG A 63 -1.62 4.75 -26.71
CA ARG A 63 -2.72 5.52 -26.12
CA ARG A 63 -2.72 5.52 -26.12
C ARG A 63 -2.24 6.31 -24.91
N ALA A 64 -1.32 5.72 -24.13
CA ALA A 64 -0.78 6.42 -22.96
C ALA A 64 0.03 7.65 -23.37
N VAL A 65 0.83 7.53 -24.42
CA VAL A 65 1.54 8.69 -24.96
C VAL A 65 0.54 9.78 -25.31
N GLN A 66 -0.56 9.40 -25.97
CA GLN A 66 -1.58 10.39 -26.33
C GLN A 66 -2.18 11.06 -25.11
N GLN A 67 -2.47 10.29 -24.05
CA GLN A 67 -3.13 10.85 -22.87
C GLN A 67 -2.21 11.79 -22.11
N VAL A 68 -0.94 11.41 -21.94
CA VAL A 68 0.02 12.27 -21.23
C VAL A 68 0.25 13.55 -22.04
N ASN A 69 0.36 13.43 -23.37
CA ASN A 69 0.52 14.66 -24.17
C ASN A 69 -0.70 15.56 -24.09
N ALA A 70 -1.90 14.98 -23.94
CA ALA A 70 -3.09 15.78 -23.72
C ALA A 70 -3.02 16.52 -22.38
N MET A 71 -2.50 15.84 -21.34
CA MET A 71 -2.30 16.51 -20.06
C MET A 71 -1.33 17.68 -20.21
N ILE A 72 -0.23 17.45 -20.94
CA ILE A 72 0.80 18.47 -21.07
C ILE A 72 0.27 19.65 -21.87
N GLU A 73 -0.45 19.37 -22.96
CA GLU A 73 -0.99 20.46 -23.76
C GLU A 73 -1.95 21.33 -22.95
N LYS A 74 -2.76 20.71 -22.10
CA LYS A 74 -3.65 21.50 -21.25
C LYS A 74 -2.84 22.29 -20.23
N LYS A 75 -1.84 21.67 -19.62
CA LYS A 75 -1.04 22.35 -18.62
C LYS A 75 -0.41 23.62 -19.20
N LEU A 76 -0.06 23.61 -20.47
CA LEU A 76 0.60 24.75 -21.09
C LEU A 76 -0.38 25.80 -21.59
N GLU A 77 -1.70 25.57 -21.51
CA GLU A 77 -2.66 26.64 -21.80
C GLU A 77 -2.50 27.76 -20.78
N PRO A 78 -2.44 29.02 -21.19
CA PRO A 78 -2.36 30.10 -20.20
C PRO A 78 -3.65 30.22 -19.39
N LEU A 79 -3.50 30.76 -18.19
CA LEU A 79 -4.61 30.97 -17.26
C LEU A 79 -4.65 32.41 -16.77
N HIS A 86 -6.06 31.82 -4.40
CA HIS A 86 -5.78 30.39 -4.51
C HIS A 86 -4.87 29.93 -3.37
N ALA A 87 -3.85 30.75 -3.07
CA ALA A 87 -2.81 30.32 -2.16
C ALA A 87 -3.33 30.06 -0.75
N ASP A 88 -4.36 30.81 -0.32
CA ASP A 88 -4.88 30.62 1.03
C ASP A 88 -5.78 29.40 1.12
N LEU A 89 -6.48 29.08 0.02
CA LEU A 89 -7.36 27.91 -0.02
C LEU A 89 -6.56 26.61 0.05
N THR A 90 -5.46 26.51 -0.71
CA THR A 90 -4.61 25.32 -0.72
C THR A 90 -3.53 25.33 0.37
N GLN A 91 -3.38 26.44 1.09
CA GLN A 91 -2.32 26.58 2.09
C GLN A 91 -0.98 26.14 1.50
N SER A 92 -0.75 26.59 0.26
CA SER A 92 0.37 26.18 -0.57
C SER A 92 0.88 27.37 -1.38
N ARG A 93 2.19 27.43 -1.56
CA ARG A 93 2.84 28.49 -2.32
C ARG A 93 2.96 28.17 -3.81
N ARG A 94 2.49 26.99 -4.27
CA ARG A 94 2.73 26.62 -5.66
C ARG A 94 1.70 27.27 -6.58
N PRO A 95 2.14 27.98 -7.62
CA PRO A 95 1.19 28.63 -8.54
C PRO A 95 0.41 27.62 -9.37
N LEU A 96 -0.87 27.94 -9.57
CA LEU A 96 -1.76 27.08 -10.34
C LEU A 96 -1.44 27.18 -11.83
N THR A 97 -1.61 26.06 -12.52
CA THR A 97 -1.51 25.96 -13.97
C THR A 97 -2.85 25.42 -14.48
N SER A 98 -2.98 25.31 -15.81
CA SER A 98 -4.24 24.83 -16.36
C SER A 98 -4.45 23.32 -16.20
N CYS A 99 -3.45 22.56 -15.78
CA CYS A 99 -3.70 21.15 -15.46
C CYS A 99 -2.72 20.71 -14.37
N THR A 100 -3.27 20.29 -13.24
CA THR A 100 -2.46 19.81 -12.12
C THR A 100 -2.22 18.33 -12.30
N ILE A 101 -0.95 17.93 -12.41
CA ILE A 101 -0.59 16.52 -12.67
C ILE A 101 -0.09 15.89 -11.38
N PHE A 102 -0.72 14.78 -10.99
CA PHE A 102 -0.32 13.98 -9.85
C PHE A 102 0.51 12.80 -10.35
N LEU A 103 1.70 12.61 -9.81
CA LEU A 103 2.58 11.48 -10.17
C LEU A 103 2.76 10.59 -8.95
N GLY A 104 2.38 9.32 -9.06
CA GLY A 104 2.54 8.36 -7.98
C GLY A 104 3.41 7.21 -8.43
N TYR A 105 4.20 6.67 -7.50
CA TYR A 105 5.06 5.54 -7.82
C TYR A 105 5.37 4.75 -6.56
N THR A 106 5.43 3.43 -6.72
CA THR A 106 5.78 2.56 -5.60
C THR A 106 7.26 2.68 -5.24
N SER A 107 7.59 2.21 -4.03
CA SER A 107 8.92 2.43 -3.48
C SER A 107 10.02 1.80 -4.33
N ASN A 108 9.79 0.57 -4.81
CA ASN A 108 10.80 -0.12 -5.57
C ASN A 108 11.21 0.61 -6.84
N LEU A 109 10.34 1.45 -7.40
CA LEU A 109 10.76 2.19 -8.59
C LEU A 109 11.81 3.25 -8.26
N ILE A 110 11.91 3.69 -7.00
CA ILE A 110 13.00 4.55 -6.57
C ILE A 110 14.27 3.75 -6.31
N SER A 111 14.15 2.45 -5.92
CA SER A 111 15.33 1.58 -5.88
C SER A 111 15.91 1.40 -7.28
N SER A 112 15.03 1.33 -8.30
CA SER A 112 15.43 1.18 -9.69
C SER A 112 15.97 2.50 -10.25
N GLY A 113 16.43 2.43 -11.50
CA GLY A 113 16.86 3.62 -12.24
C GLY A 113 15.75 4.57 -12.64
N ILE A 114 14.48 4.16 -12.45
CA ILE A 114 13.37 5.09 -12.68
C ILE A 114 13.47 6.29 -11.73
N ARG A 115 14.26 6.17 -10.66
CA ARG A 115 14.58 7.34 -9.83
C ARG A 115 15.10 8.50 -10.67
N GLU A 116 15.98 8.22 -11.63
CA GLU A 116 16.49 9.28 -12.50
C GLU A 116 15.38 9.87 -13.38
N THR A 117 14.47 9.02 -13.84
CA THR A 117 13.38 9.50 -14.70
C THR A 117 12.48 10.45 -13.91
N ILE A 118 12.12 10.06 -12.69
CA ILE A 118 11.25 10.88 -11.84
C ILE A 118 11.94 12.18 -11.48
N ARG A 119 13.23 12.09 -11.12
CA ARG A 119 13.96 13.29 -10.74
C ARG A 119 13.93 14.34 -11.85
N TYR A 120 14.11 13.89 -13.09
CA TYR A 120 14.08 14.81 -14.24
C TYR A 120 12.75 15.55 -14.32
N LEU A 121 11.63 14.83 -14.19
CA LEU A 121 10.33 15.49 -14.27
C LEU A 121 10.15 16.51 -13.15
N VAL A 122 10.59 16.19 -11.93
CA VAL A 122 10.42 17.09 -10.81
C VAL A 122 11.36 18.29 -10.94
N GLN A 123 12.60 18.03 -11.34
CA GLN A 123 13.58 19.09 -11.58
C GLN A 123 13.05 20.18 -12.50
N HIS A 124 12.29 19.81 -13.52
CA HIS A 124 11.82 20.78 -14.51
C HIS A 124 10.36 21.16 -14.31
N ASN A 125 9.80 20.91 -13.12
CA ASN A 125 8.45 21.38 -12.75
C ASN A 125 7.38 20.87 -13.69
N MET A 126 7.56 19.67 -14.21
CA MET A 126 6.64 19.08 -15.16
C MET A 126 5.46 18.41 -14.49
N VAL A 127 5.54 18.09 -13.20
CA VAL A 127 4.40 17.57 -12.46
C VAL A 127 4.24 18.43 -11.22
N ASP A 128 3.09 18.29 -10.56
CA ASP A 128 2.69 19.21 -9.51
C ASP A 128 2.61 18.61 -8.12
N VAL A 129 2.35 17.31 -8.03
CA VAL A 129 2.19 16.60 -6.76
C VAL A 129 2.81 15.22 -6.89
N LEU A 130 3.58 14.80 -5.88
CA LEU A 130 4.15 13.46 -5.82
C LEU A 130 3.48 12.68 -4.70
N VAL A 131 3.23 11.38 -4.94
CA VAL A 131 2.82 10.45 -3.89
C VAL A 131 3.68 9.22 -4.00
N THR A 132 4.34 8.84 -2.91
CA THR A 132 5.12 7.60 -2.89
C THR A 132 5.06 7.03 -1.48
N THR A 133 5.36 5.74 -1.37
CA THR A 133 5.49 5.12 -0.05
C THR A 133 6.86 5.43 0.54
N ALA A 134 7.09 4.98 1.77
CA ALA A 134 8.26 5.43 2.53
C ALA A 134 9.58 5.04 1.86
N GLY A 135 9.68 3.82 1.34
CA GLY A 135 10.89 3.44 0.65
C GLY A 135 11.21 4.38 -0.48
N GLY A 136 10.17 4.86 -1.16
CA GLY A 136 10.36 5.77 -2.27
C GLY A 136 10.88 7.13 -1.85
N VAL A 137 10.80 7.46 -0.57
CA VAL A 137 11.44 8.67 -0.03
C VAL A 137 12.88 8.36 0.37
N GLU A 138 13.04 7.41 1.29
CA GLU A 138 14.34 7.18 1.90
C GLU A 138 15.41 6.73 0.90
N GLU A 139 15.06 5.88 -0.05
CA GLU A 139 16.09 5.36 -0.95
CA GLU A 139 16.08 5.37 -0.95
C GLU A 139 16.59 6.42 -1.93
N ASP A 140 15.82 7.48 -2.18
CA ASP A 140 16.33 8.58 -3.00
C ASP A 140 17.44 9.32 -2.25
N LEU A 141 17.24 9.51 -0.95
CA LEU A 141 18.24 10.15 -0.10
C LEU A 141 19.47 9.27 0.06
N ILE A 142 19.26 7.98 0.32
CA ILE A 142 20.38 7.08 0.54
C ILE A 142 21.27 6.98 -0.70
N LYS A 143 20.66 7.03 -1.90
CA LYS A 143 21.44 6.97 -3.15
C LYS A 143 22.37 8.16 -3.31
N CYS A 144 22.13 9.26 -2.57
CA CYS A 144 23.08 10.38 -2.54
C CYS A 144 24.27 10.09 -1.67
N LEU A 145 24.19 9.06 -0.83
CA LEU A 145 25.26 8.67 0.07
C LEU A 145 26.02 7.44 -0.40
N ALA A 146 25.35 6.49 -1.06
CA ALA A 146 25.99 5.26 -1.49
C ALA A 146 25.11 4.58 -2.55
N PRO A 147 25.69 3.83 -3.47
CA PRO A 147 24.89 3.27 -4.57
C PRO A 147 24.17 1.98 -4.22
N THR A 148 23.16 1.71 -5.04
CA THR A 148 22.48 0.42 -5.11
C THR A 148 23.09 -0.33 -6.29
N TYR A 149 23.19 -1.66 -6.17
CA TYR A 149 23.90 -2.46 -7.16
C TYR A 149 22.98 -3.47 -7.86
N LEU A 150 23.40 -3.91 -9.05
CA LEU A 150 22.68 -4.96 -9.74
C LEU A 150 23.02 -6.33 -9.15
N GLY A 151 22.02 -7.18 -9.08
CA GLY A 151 22.15 -8.57 -8.64
C GLY A 151 21.28 -9.47 -9.48
N GLU A 152 20.59 -10.42 -8.83
CA GLU A 152 19.72 -11.40 -9.47
C GLU A 152 18.60 -11.72 -8.49
N PHE A 153 17.42 -12.03 -9.03
CA PHE A 153 16.28 -12.41 -8.19
C PHE A 153 16.55 -13.67 -7.38
N SER A 154 17.36 -14.59 -7.91
CA SER A 154 17.48 -15.92 -7.34
C SER A 154 18.53 -16.03 -6.24
N LEU A 155 19.23 -14.95 -5.90
CA LEU A 155 20.23 -15.00 -4.85
C LEU A 155 19.58 -15.38 -3.52
N ARG A 156 20.22 -16.28 -2.78
CA ARG A 156 19.61 -16.86 -1.59
C ARG A 156 19.76 -15.97 -0.37
N GLY A 157 18.67 -15.90 0.42
CA GLY A 157 18.60 -14.92 1.50
C GLY A 157 19.62 -15.18 2.60
N LYS A 158 19.86 -16.45 2.93
CA LYS A 158 20.79 -16.79 4.00
C LYS A 158 22.20 -16.24 3.71
N GLU A 159 22.72 -16.51 2.51
CA GLU A 159 24.05 -16.04 2.18
C GLU A 159 24.11 -14.52 2.09
N LEU A 160 23.08 -13.89 1.52
CA LEU A 160 23.06 -12.44 1.49
C LEU A 160 23.07 -11.87 2.91
N ARG A 161 22.21 -12.42 3.78
CA ARG A 161 22.12 -11.91 5.16
C ARG A 161 23.46 -12.05 5.87
N GLU A 162 24.12 -13.19 5.71
CA GLU A 162 25.43 -13.41 6.34
C GLU A 162 26.47 -12.42 5.83
N ASN A 163 26.29 -11.88 4.64
CA ASN A 163 27.23 -10.93 4.07
C ASN A 163 26.73 -9.49 4.19
N GLY A 164 25.66 -9.26 4.93
CA GLY A 164 25.18 -7.89 5.15
C GLY A 164 24.69 -7.20 3.89
N ILE A 165 24.02 -7.93 3.00
CA ILE A 165 23.47 -7.40 1.75
C ILE A 165 21.97 -7.68 1.72
N ASN A 166 21.18 -6.64 1.46
CA ASN A 166 19.73 -6.70 1.40
C ASN A 166 19.28 -6.74 -0.06
N ARG A 167 18.32 -7.62 -0.37
CA ARG A 167 17.87 -7.78 -1.75
C ARG A 167 16.55 -7.04 -1.99
N ILE A 168 16.49 -6.33 -3.11
CA ILE A 168 15.28 -5.66 -3.59
C ILE A 168 15.08 -6.16 -5.02
N GLY A 169 14.28 -7.22 -5.19
CA GLY A 169 14.13 -7.79 -6.53
C GLY A 169 15.46 -8.30 -7.04
N ASN A 170 15.93 -7.80 -8.18
CA ASN A 170 17.26 -8.14 -8.66
C ASN A 170 18.28 -7.06 -8.37
N LEU A 171 18.04 -6.25 -7.34
CA LEU A 171 18.95 -5.21 -6.87
C LEU A 171 19.45 -5.54 -5.47
N LEU A 172 20.57 -4.92 -5.10
CA LEU A 172 21.25 -5.22 -3.85
C LEU A 172 21.64 -3.93 -3.13
N VAL A 173 21.29 -3.85 -1.84
CA VAL A 173 21.67 -2.68 -1.02
C VAL A 173 22.49 -3.13 0.18
N PRO A 174 23.77 -2.79 0.25
CA PRO A 174 24.56 -3.19 1.42
C PRO A 174 24.07 -2.54 2.71
N ASN A 175 24.23 -3.26 3.82
CA ASN A 175 23.83 -2.70 5.11
C ASN A 175 24.51 -1.36 5.35
N GLU A 176 25.76 -1.19 4.89
CA GLU A 176 26.47 0.06 5.19
C GLU A 176 25.74 1.29 4.66
N ASN A 177 24.97 1.14 3.59
CA ASN A 177 24.17 2.26 3.08
C ASN A 177 23.25 2.81 4.17
N TYR A 178 22.65 1.91 4.96
CA TYR A 178 21.75 2.32 6.04
C TYR A 178 22.51 2.91 7.23
N CSS A 179 23.75 2.45 7.42
CA CSS A 179 24.58 3.04 8.48
CB CSS A 179 25.90 2.28 8.70
SG CSS A 179 25.63 0.59 9.21
SD CSS A 179 24.26 0.89 10.79
C CSS A 179 24.90 4.51 8.13
O CSS A 179 24.85 5.44 8.95
N LYS A 180 25.25 4.73 6.86
CA LYS A 180 25.49 6.10 6.38
C LYS A 180 24.22 6.94 6.51
N PHE A 181 23.08 6.36 6.15
CA PHE A 181 21.81 7.04 6.31
C PHE A 181 21.58 7.45 7.76
N GLU A 182 21.87 6.53 8.71
CA GLU A 182 21.68 6.84 10.12
C GLU A 182 22.53 8.03 10.54
N ASP A 183 23.81 8.02 10.15
CA ASP A 183 24.71 9.10 10.55
C ASP A 183 24.23 10.44 10.03
N TRP A 184 23.70 10.45 8.81
CA TRP A 184 23.25 11.68 8.17
C TRP A 184 21.96 12.18 8.81
N LEU A 185 21.05 11.27 9.14
CA LEU A 185 19.69 11.64 9.51
C LEU A 185 19.55 12.01 10.99
N MET A 186 20.31 11.38 11.88
CA MET A 186 20.03 11.57 13.30
C MET A 186 20.14 13.04 13.71
N PRO A 187 21.12 13.83 13.24
CA PRO A 187 21.14 15.26 13.64
C PRO A 187 19.95 16.06 13.14
N ILE A 188 19.43 15.68 11.98
CA ILE A 188 18.26 16.34 11.42
C ILE A 188 17.04 16.04 12.29
N LEU A 189 16.89 14.78 12.72
CA LEU A 189 15.79 14.47 13.63
C LEU A 189 15.90 15.25 14.93
N ASP A 190 17.13 15.43 15.44
CA ASP A 190 17.30 16.29 16.64
C ASP A 190 16.73 17.69 16.40
N GLN A 191 17.08 18.28 15.26
CA GLN A 191 16.60 19.64 14.94
C GLN A 191 15.08 19.67 14.79
N MET A 192 14.50 18.64 14.18
CA MET A 192 13.06 18.62 14.01
C MET A 192 12.33 18.57 15.35
N VAL A 193 12.82 17.77 16.30
CA VAL A 193 12.20 17.75 17.61
C VAL A 193 12.31 19.11 18.28
N MET A 194 13.50 19.72 18.19
CA MET A 194 13.73 21.01 18.82
C MET A 194 12.79 22.06 18.24
N GLU A 195 12.60 22.04 16.92
CA GLU A 195 11.71 23.01 16.27
C GLU A 195 10.26 22.77 16.65
N GLN A 196 9.88 21.52 16.81
CA GLN A 196 8.51 21.20 17.24
C GLN A 196 8.24 21.77 18.62
N ASN A 197 9.18 21.60 19.55
CA ASN A 197 8.87 21.86 20.94
C ASN A 197 9.03 23.33 21.29
N THR A 198 9.81 24.10 20.52
CA THR A 198 10.07 25.51 20.81
C THR A 198 9.69 26.50 19.72
N GLU A 199 9.53 26.07 18.47
CA GLU A 199 9.14 26.97 17.39
C GLU A 199 7.74 26.64 16.86
N GLY A 200 7.02 25.75 17.54
CA GLY A 200 5.64 25.47 17.20
C GLY A 200 5.40 24.65 15.95
N VAL A 201 6.44 24.04 15.37
CA VAL A 201 6.26 23.29 14.13
C VAL A 201 5.41 22.06 14.39
N LYS A 202 4.43 21.81 13.50
CA LYS A 202 3.56 20.64 13.56
C LYS A 202 3.91 19.79 12.35
N TRP A 203 4.75 18.80 12.55
CA TRP A 203 5.28 18.01 11.43
C TRP A 203 4.21 17.08 10.87
N THR A 204 4.28 16.89 9.56
CA THR A 204 3.53 15.90 8.80
C THR A 204 4.52 15.22 7.86
N PRO A 205 4.13 14.09 7.24
CA PRO A 205 5.04 13.49 6.26
C PRO A 205 5.50 14.47 5.19
N SER A 206 4.58 15.23 4.56
CA SER A 206 5.02 16.09 3.47
C SER A 206 6.00 17.16 3.98
N LYS A 207 5.77 17.68 5.18
CA LYS A 207 6.68 18.71 5.68
C LYS A 207 8.05 18.12 5.97
N MET A 208 8.08 16.90 6.52
CA MET A 208 9.36 16.22 6.74
C MET A 208 10.09 15.93 5.44
N ILE A 209 9.36 15.48 4.41
CA ILE A 209 10.00 15.15 3.14
C ILE A 209 10.61 16.40 2.51
N ALA A 210 9.91 17.55 2.60
CA ALA A 210 10.50 18.80 2.12
C ALA A 210 11.78 19.13 2.87
N ARG A 211 11.77 18.97 4.19
CA ARG A 211 12.99 19.25 4.95
C ARG A 211 14.12 18.32 4.56
N LEU A 212 13.84 17.02 4.38
CA LEU A 212 14.92 16.09 4.06
C LEU A 212 15.50 16.39 2.68
N GLY A 213 14.66 16.81 1.74
CA GLY A 213 15.18 17.21 0.43
C GLY A 213 16.08 18.43 0.52
N LYS A 214 15.70 19.39 1.34
CA LYS A 214 16.56 20.57 1.53
C LYS A 214 17.88 20.18 2.17
N GLU A 215 17.84 19.28 3.17
CA GLU A 215 19.06 18.86 3.86
C GLU A 215 19.99 18.05 2.96
N ILE A 216 19.46 17.21 2.08
CA ILE A 216 20.35 16.38 1.28
C ILE A 216 21.11 17.23 0.28
N ASN A 217 20.53 18.34 -0.17
CA ASN A 217 21.25 19.41 -0.85
C ASN A 217 22.10 18.86 -2.00
N ASN A 218 21.46 18.10 -2.89
CA ASN A 218 22.16 17.32 -3.90
C ASN A 218 21.27 17.21 -5.13
N PRO A 219 21.73 17.65 -6.30
CA PRO A 219 20.85 17.72 -7.47
C PRO A 219 20.54 16.37 -8.09
N GLU A 220 21.11 15.28 -7.59
CA GLU A 220 20.68 13.95 -8.01
C GLU A 220 19.39 13.49 -7.33
N SER A 221 18.95 14.22 -6.30
CA SER A 221 17.83 13.81 -5.46
C SER A 221 16.49 14.35 -5.95
N VAL A 222 15.51 13.43 -6.05
CA VAL A 222 14.14 13.83 -6.37
C VAL A 222 13.62 14.88 -5.38
N TYR A 223 13.81 14.64 -4.08
CA TYR A 223 13.17 15.46 -3.04
C TYR A 223 13.90 16.78 -2.82
N TYR A 224 15.20 16.85 -3.13
CA TYR A 224 15.85 18.16 -3.27
C TYR A 224 15.12 19.03 -4.28
N TRP A 225 14.87 18.50 -5.48
CA TRP A 225 14.20 19.29 -6.49
C TRP A 225 12.74 19.58 -6.11
N ALA A 226 12.04 18.61 -5.52
CA ALA A 226 10.64 18.84 -5.15
C ALA A 226 10.51 20.02 -4.20
N GLN A 227 11.32 20.08 -3.14
CA GLN A 227 11.16 21.20 -2.21
C GLN A 227 11.58 22.51 -2.86
N LYS A 228 12.63 22.48 -3.68
CA LYS A 228 13.05 23.71 -4.34
C LYS A 228 11.96 24.28 -5.25
N ASN A 229 11.24 23.39 -5.93
CA ASN A 229 10.20 23.77 -6.89
C ASN A 229 8.81 23.78 -6.26
N HIS A 230 8.71 23.65 -4.95
CA HIS A 230 7.43 23.71 -4.24
C HIS A 230 6.46 22.64 -4.73
N ILE A 231 6.97 21.46 -4.99
CA ILE A 231 6.17 20.28 -5.32
C ILE A 231 6.01 19.45 -4.05
N PRO A 232 4.80 19.36 -3.48
CA PRO A 232 4.64 18.59 -2.23
C PRO A 232 4.66 17.10 -2.49
N VAL A 233 5.13 16.35 -1.48
CA VAL A 233 5.23 14.91 -1.54
C VAL A 233 4.39 14.33 -0.39
N PHE A 234 3.41 13.49 -0.72
CA PHE A 234 2.55 12.87 0.28
C PHE A 234 2.95 11.40 0.41
N SER A 235 2.94 10.90 1.66
CA SER A 235 3.37 9.55 2.01
C SER A 235 2.76 9.24 3.38
N PRO A 236 1.47 8.87 3.43
CA PRO A 236 0.79 8.81 4.74
C PRO A 236 1.34 7.73 5.64
N ALA A 237 1.90 6.65 5.10
CA ALA A 237 2.55 5.65 5.94
C ALA A 237 4.07 5.81 5.90
N LEU A 238 4.57 7.01 6.23
CA LEU A 238 5.99 7.28 6.10
C LEU A 238 6.85 6.47 7.08
N THR A 239 6.24 5.95 8.14
CA THR A 239 6.95 5.10 9.09
C THR A 239 7.25 3.68 8.56
N ASP A 240 6.78 3.31 7.37
CA ASP A 240 6.89 1.91 6.94
C ASP A 240 8.16 1.71 6.09
N GLY A 241 9.29 1.70 6.78
CA GLY A 241 10.57 1.57 6.11
C GLY A 241 11.71 1.99 7.03
N SER A 242 12.85 2.30 6.41
CA SER A 242 14.08 2.65 7.15
C SER A 242 13.97 4.00 7.86
N LEU A 243 13.34 4.98 7.24
CA LEU A 243 13.08 6.23 7.97
C LEU A 243 12.29 5.95 9.24
N GLY A 244 11.33 5.04 9.16
CA GLY A 244 10.63 4.61 10.36
C GLY A 244 11.59 4.00 11.38
N ASP A 245 12.46 3.07 10.92
CA ASP A 245 13.47 2.49 11.83
C ASP A 245 14.21 3.60 12.56
N MET A 246 14.68 4.59 11.79
CA MET A 246 15.50 5.66 12.38
C MET A 246 14.69 6.52 13.34
N ILE A 247 13.47 6.90 12.96
CA ILE A 247 12.61 7.64 13.87
C ILE A 247 12.40 6.84 15.16
N PHE A 248 12.19 5.54 15.03
CA PHE A 248 11.97 4.66 16.17
C PHE A 248 13.17 4.70 17.12
N PHE A 249 14.36 4.40 16.61
CA PHE A 249 15.54 4.39 17.46
C PHE A 249 15.82 5.78 18.02
N HIS A 250 15.71 6.79 17.18
CA HIS A 250 15.95 8.15 17.62
C HIS A 250 15.04 8.52 18.80
N SER A 251 13.81 8.05 18.78
CA SER A 251 12.85 8.47 19.81
C SER A 251 13.21 7.97 21.20
N TYR A 252 14.04 6.93 21.31
CA TYR A 252 14.48 6.46 22.62
C TYR A 252 15.67 7.27 23.14
N LYS A 253 16.39 7.95 22.25
CA LYS A 253 17.41 8.93 22.61
C LYS A 253 16.87 10.34 22.78
N ASN A 254 15.81 10.68 22.06
CA ASN A 254 15.31 12.06 21.97
C ASN A 254 13.81 11.99 21.76
N PRO A 255 13.06 11.77 22.84
CA PRO A 255 11.61 11.54 22.66
C PRO A 255 10.87 12.81 22.23
N GLY A 256 9.71 12.60 21.61
CA GLY A 256 8.75 13.66 21.36
C GLY A 256 8.31 13.87 19.92
N LEU A 257 9.00 13.38 18.91
CA LEU A 257 8.58 13.68 17.54
C LEU A 257 7.20 13.13 17.27
N VAL A 258 6.34 13.97 16.69
CA VAL A 258 5.00 13.59 16.22
C VAL A 258 4.93 13.82 14.71
N LEU A 259 4.31 12.87 13.98
CA LEU A 259 3.98 13.04 12.56
C LEU A 259 2.47 12.86 12.37
N ASP A 260 1.77 13.95 12.07
CA ASP A 260 0.33 13.98 11.87
C ASP A 260 -0.02 13.70 10.41
N ILE A 261 -0.96 12.78 10.17
CA ILE A 261 -1.44 12.52 8.82
C ILE A 261 -2.72 13.26 8.48
N VAL A 262 -3.39 13.87 9.47
CA VAL A 262 -4.64 14.57 9.15
C VAL A 262 -4.39 15.81 8.31
N GLU A 263 -3.44 16.66 8.72
CA GLU A 263 -3.20 17.88 7.93
C GLU A 263 -2.74 17.54 6.51
N ASP A 264 -1.98 16.45 6.34
CA ASP A 264 -1.53 16.08 5.00
C ASP A 264 -2.69 15.60 4.13
N LEU A 265 -3.73 15.05 4.74
CA LEU A 265 -4.94 14.72 3.96
C LEU A 265 -5.62 15.99 3.49
N ARG A 266 -5.75 17.00 4.37
CA ARG A 266 -6.30 18.28 3.93
C ARG A 266 -5.49 18.86 2.79
N LEU A 267 -4.16 18.76 2.88
CA LEU A 267 -3.31 19.40 1.88
C LEU A 267 -3.40 18.70 0.52
N ILE A 268 -3.41 17.36 0.48
CA ILE A 268 -3.49 16.73 -0.84
C ILE A 268 -4.88 16.92 -1.43
N ASN A 269 -5.93 16.81 -0.60
CA ASN A 269 -7.27 16.94 -1.16
C ASN A 269 -7.49 18.35 -1.73
N THR A 270 -6.92 19.36 -1.09
CA THR A 270 -7.11 20.71 -1.61
C THR A 270 -6.34 20.92 -2.92
N GLN A 271 -5.26 20.17 -3.15
CA GLN A 271 -4.61 20.25 -4.46
C GLN A 271 -5.58 19.86 -5.58
N ALA A 272 -6.43 18.87 -5.33
CA ALA A 272 -7.39 18.45 -6.34
C ALA A 272 -8.57 19.40 -6.44
N ILE A 273 -9.11 19.80 -5.29
CA ILE A 273 -10.36 20.55 -5.29
C ILE A 273 -10.20 21.85 -6.07
N PHE A 274 -9.06 22.52 -5.93
CA PHE A 274 -8.86 23.84 -6.50
C PHE A 274 -8.12 23.81 -7.84
N ALA A 275 -8.05 22.64 -8.47
CA ALA A 275 -7.44 22.52 -9.77
C ALA A 275 -8.43 22.90 -10.87
N LYS A 276 -7.90 23.43 -11.96
CA LYS A 276 -8.72 23.67 -13.15
C LYS A 276 -8.98 22.38 -13.89
N CSS A 277 -7.93 21.60 -14.05
CA CSS A 277 -8.01 20.25 -14.65
CB CSS A 277 -7.67 20.14 -16.12
SG CSS A 277 -8.58 21.19 -17.25
SD CSS A 277 -10.41 20.22 -17.70
C CSS A 277 -7.00 19.43 -13.87
O CSS A 277 -6.08 19.95 -13.22
N THR A 278 -7.19 18.10 -13.90
CA THR A 278 -6.21 17.22 -13.28
C THR A 278 -5.92 16.02 -14.16
N GLY A 279 -4.67 15.58 -14.10
CA GLY A 279 -4.27 14.30 -14.64
C GLY A 279 -3.56 13.48 -13.57
N MET A 280 -3.72 12.17 -13.66
CA MET A 280 -3.04 11.21 -12.81
C MET A 280 -2.13 10.32 -13.65
N ILE A 281 -0.87 10.22 -13.26
CA ILE A 281 0.08 9.30 -13.85
C ILE A 281 0.55 8.43 -12.71
N ILE A 282 0.19 7.14 -12.75
CA ILE A 282 0.37 6.29 -11.57
C ILE A 282 1.16 5.06 -11.97
N LEU A 283 2.34 4.88 -11.36
CA LEU A 283 3.21 3.73 -11.59
C LEU A 283 3.07 2.76 -10.42
N GLY A 284 2.50 1.59 -10.68
CA GLY A 284 2.23 0.63 -9.61
C GLY A 284 0.92 0.91 -8.91
N GLY A 285 0.71 0.17 -7.80
CA GLY A 285 -0.56 0.19 -7.11
C GLY A 285 -0.40 0.56 -5.63
N GLY A 286 -1.33 0.03 -4.82
CA GLY A 286 -1.27 0.23 -3.36
C GLY A 286 -1.77 1.59 -2.93
N VAL A 287 -1.25 2.04 -1.77
CA VAL A 287 -1.59 3.34 -1.22
C VAL A 287 -1.38 4.46 -2.23
N VAL A 288 -0.29 4.41 -3.03
CA VAL A 288 0.00 5.56 -3.90
C VAL A 288 -1.12 5.74 -4.92
N LYS A 289 -1.63 4.65 -5.43
CA LYS A 289 -2.66 4.74 -6.47
C LYS A 289 -3.97 5.21 -5.87
N HIS A 290 -4.39 4.60 -4.76
CA HIS A 290 -5.68 4.98 -4.17
C HIS A 290 -5.65 6.40 -3.64
N HIS A 291 -4.52 6.81 -3.06
CA HIS A 291 -4.48 8.12 -2.41
C HIS A 291 -4.64 9.23 -3.44
N ILE A 292 -4.01 9.07 -4.60
CA ILE A 292 -4.20 10.03 -5.68
C ILE A 292 -5.62 9.97 -6.21
N ALA A 293 -6.14 8.75 -6.42
CA ALA A 293 -7.50 8.62 -6.93
C ALA A 293 -8.52 9.24 -5.99
N ASN A 294 -8.37 9.01 -4.69
CA ASN A 294 -9.34 9.52 -3.73
C ASN A 294 -9.29 11.05 -3.60
N ALA A 295 -8.10 11.64 -3.70
CA ALA A 295 -8.02 13.11 -3.77
C ALA A 295 -8.83 13.62 -4.96
N ASN A 296 -8.71 12.98 -6.12
CA ASN A 296 -9.44 13.43 -7.31
C ASN A 296 -10.92 13.14 -7.22
N LEU A 297 -11.34 12.17 -6.41
CA LEU A 297 -12.78 12.02 -6.14
C LEU A 297 -13.36 13.29 -5.55
N MET A 298 -12.56 14.03 -4.79
CA MET A 298 -13.06 15.24 -4.13
C MET A 298 -13.43 16.34 -5.11
N ARG A 299 -12.97 16.27 -6.36
CA ARG A 299 -13.39 17.19 -7.41
C ARG A 299 -14.33 16.52 -8.42
N ASN A 300 -14.88 15.38 -8.04
CA ASN A 300 -15.73 14.50 -8.86
C ASN A 300 -14.99 13.93 -10.06
N GLY A 301 -13.66 13.81 -9.94
CA GLY A 301 -12.94 12.95 -10.88
C GLY A 301 -11.83 13.62 -11.63
N ALA A 302 -10.80 12.85 -11.95
CA ALA A 302 -9.71 13.32 -12.78
C ALA A 302 -10.15 13.42 -14.24
N ASP A 303 -9.54 14.38 -14.95
CA ASP A 303 -9.81 14.57 -16.37
C ASP A 303 -9.02 13.64 -17.28
N TYR A 304 -7.78 13.30 -16.88
CA TYR A 304 -6.89 12.42 -17.62
C TYR A 304 -6.26 11.43 -16.65
N ALA A 305 -6.00 10.20 -17.11
CA ALA A 305 -5.40 9.21 -16.22
C ALA A 305 -4.65 8.15 -17.04
N VAL A 306 -3.43 7.87 -16.61
CA VAL A 306 -2.59 6.82 -17.15
C VAL A 306 -2.08 5.99 -15.99
N TYR A 307 -2.34 4.68 -16.03
CA TYR A 307 -1.78 3.70 -15.10
C TYR A 307 -0.75 2.85 -15.84
N ILE A 308 0.40 2.60 -15.22
CA ILE A 308 1.32 1.56 -15.67
C ILE A 308 1.53 0.63 -14.49
N ASN A 309 0.96 -0.57 -14.55
CA ASN A 309 1.19 -1.47 -13.44
C ASN A 309 0.98 -2.90 -13.89
N THR A 310 1.53 -3.79 -13.11
CA THR A 310 1.52 -5.22 -13.39
C THR A 310 0.39 -5.98 -12.71
N ALA A 311 -0.41 -5.33 -11.88
CA ALA A 311 -1.42 -6.01 -11.10
C ALA A 311 -2.61 -6.35 -11.98
N GLN A 312 -3.34 -7.40 -11.59
CA GLN A 312 -4.50 -7.89 -12.33
C GLN A 312 -5.77 -7.78 -11.48
N GLU A 313 -6.93 -7.68 -12.15
CA GLU A 313 -8.14 -7.36 -11.43
C GLU A 313 -8.72 -8.53 -10.65
N PHE A 314 -8.38 -9.79 -11.02
CA PHE A 314 -9.20 -10.92 -10.57
C PHE A 314 -9.27 -11.10 -9.07
N ASP A 315 -8.31 -10.57 -8.31
CA ASP A 315 -8.27 -10.76 -6.87
C ASP A 315 -9.05 -9.68 -6.11
N GLY A 316 -9.76 -8.81 -6.83
CA GLY A 316 -10.57 -7.79 -6.22
C GLY A 316 -9.77 -6.63 -5.67
N SER A 317 -8.45 -6.62 -5.88
CA SER A 317 -7.58 -5.61 -5.27
C SER A 317 -7.79 -4.23 -5.88
N ASP A 318 -7.51 -3.19 -5.08
CA ASP A 318 -7.48 -1.85 -5.69
C ASP A 318 -6.29 -1.73 -6.65
N SER A 319 -5.14 -2.34 -6.31
CA SER A 319 -3.97 -2.27 -7.19
C SER A 319 -4.31 -2.75 -8.59
N GLY A 320 -5.05 -3.86 -8.69
CA GLY A 320 -5.35 -4.51 -9.94
C GLY A 320 -6.57 -4.01 -10.66
N ALA A 321 -7.31 -3.09 -10.06
CA ALA A 321 -8.55 -2.62 -10.65
C ALA A 321 -8.28 -1.84 -11.92
N ARG A 322 -9.13 -2.07 -12.93
CA ARG A 322 -9.07 -1.31 -14.16
C ARG A 322 -9.48 0.14 -13.87
N PRO A 323 -9.02 1.09 -14.70
CA PRO A 323 -9.49 2.47 -14.54
C PRO A 323 -11.01 2.58 -14.50
N ASP A 324 -11.72 1.70 -15.19
CA ASP A 324 -13.18 1.83 -15.21
C ASP A 324 -13.79 1.53 -13.85
N GLU A 325 -13.09 0.82 -12.96
CA GLU A 325 -13.61 0.71 -11.60
C GLU A 325 -13.65 2.08 -10.94
N ALA A 326 -12.61 2.87 -11.14
CA ALA A 326 -12.54 4.20 -10.52
C ALA A 326 -13.61 5.13 -11.06
N VAL A 327 -14.07 4.90 -12.28
CA VAL A 327 -15.19 5.69 -12.80
C VAL A 327 -16.44 5.47 -11.95
N SER A 328 -16.66 4.23 -11.52
CA SER A 328 -17.85 3.91 -10.72
C SER A 328 -17.87 4.68 -9.41
N TRP A 329 -16.71 4.88 -8.78
CA TRP A 329 -16.54 5.58 -7.51
CA TRP A 329 -16.75 5.60 -7.52
C TRP A 329 -16.42 7.08 -7.64
N GLY A 330 -16.19 7.58 -8.85
CA GLY A 330 -16.06 9.02 -9.10
C GLY A 330 -14.65 9.58 -9.11
N ALA A 331 -13.62 8.72 -9.07
CA ALA A 331 -12.25 9.21 -9.08
C ALA A 331 -11.76 9.57 -10.48
N ILE A 332 -12.41 9.03 -11.52
CA ILE A 332 -12.14 9.38 -12.92
C ILE A 332 -13.47 9.81 -13.52
N ARG A 333 -13.47 10.95 -14.22
CA ARG A 333 -14.71 11.46 -14.78
C ARG A 333 -15.28 10.49 -15.81
N VAL A 334 -16.61 10.50 -15.94
CA VAL A 334 -17.23 9.55 -16.86
C VAL A 334 -16.86 9.88 -18.30
N ASP A 335 -16.50 11.13 -18.60
CA ASP A 335 -16.13 11.57 -19.94
CA ASP A 335 -16.15 11.50 -19.98
C ASP A 335 -14.65 11.47 -20.22
N ALA A 336 -13.85 10.96 -19.27
CA ALA A 336 -12.44 10.77 -19.51
C ALA A 336 -12.20 9.50 -20.35
N GLN A 337 -11.00 9.42 -20.93
CA GLN A 337 -10.57 8.24 -21.69
C GLN A 337 -9.27 7.71 -21.06
N PRO A 338 -9.37 7.13 -19.89
CA PRO A 338 -8.16 6.68 -19.19
C PRO A 338 -7.53 5.48 -19.90
N VAL A 339 -6.25 5.25 -19.57
CA VAL A 339 -5.44 4.20 -20.22
C VAL A 339 -4.66 3.46 -19.16
N LYS A 340 -4.65 2.12 -19.23
CA LYS A 340 -3.74 1.32 -18.44
C LYS A 340 -2.83 0.52 -19.36
N VAL A 341 -1.52 0.57 -19.08
CA VAL A 341 -0.54 -0.32 -19.70
C VAL A 341 -0.15 -1.38 -18.69
N TYR A 342 -0.31 -2.66 -19.06
CA TYR A 342 0.04 -3.79 -18.20
C TYR A 342 1.50 -4.14 -18.47
N ALA A 343 2.40 -3.59 -17.65
CA ALA A 343 3.82 -3.80 -17.87
C ALA A 343 4.62 -3.31 -16.68
N ASP A 344 5.83 -3.86 -16.54
CA ASP A 344 6.85 -3.34 -15.63
C ASP A 344 7.24 -1.93 -16.04
N ALA A 345 7.02 -0.97 -15.13
CA ALA A 345 7.32 0.42 -15.44
C ALA A 345 8.81 0.66 -15.66
N SER A 346 9.69 -0.23 -15.19
CA SER A 346 11.11 -0.01 -15.46
C SER A 346 11.38 -0.06 -16.94
N LEU A 347 10.57 -0.84 -17.69
CA LEU A 347 10.67 -0.85 -19.14
C LEU A 347 9.96 0.32 -19.79
N VAL A 348 8.73 0.60 -19.39
CA VAL A 348 7.81 1.47 -20.14
CA VAL A 348 7.95 1.48 -20.23
C VAL A 348 7.96 2.94 -19.78
N PHE A 349 8.20 3.24 -18.51
CA PHE A 349 8.16 4.67 -18.15
C PHE A 349 9.22 5.51 -18.85
N PRO A 350 10.47 5.08 -19.01
CA PRO A 350 11.42 5.93 -19.75
C PRO A 350 11.00 6.18 -21.19
N LEU A 351 10.45 5.15 -21.86
CA LEU A 351 9.95 5.32 -23.22
C LEU A 351 8.80 6.33 -23.24
N LEU A 352 7.91 6.25 -22.25
CA LEU A 352 6.78 7.18 -22.18
C LEU A 352 7.28 8.61 -22.04
N VAL A 353 8.24 8.83 -21.14
CA VAL A 353 8.78 10.18 -20.94
C VAL A 353 9.46 10.67 -22.20
N ALA A 354 10.21 9.80 -22.89
CA ALA A 354 10.89 10.18 -24.13
C ALA A 354 9.92 10.75 -25.14
N GLU A 355 8.70 10.20 -25.23
CA GLU A 355 7.75 10.58 -26.27
C GLU A 355 6.78 11.67 -25.81
N THR A 356 6.89 12.12 -24.56
CA THR A 356 5.97 13.12 -24.04
C THR A 356 6.74 14.29 -23.43
N PHE A 357 6.97 14.26 -22.11
CA PHE A 357 7.59 15.38 -21.43
C PHE A 357 8.91 15.78 -22.08
N ALA A 358 9.74 14.80 -22.44
CA ALA A 358 11.07 15.16 -22.94
C ALA A 358 11.00 15.85 -24.29
N GLN A 359 9.89 15.69 -25.00
CA GLN A 359 9.73 16.36 -26.27
C GLN A 359 9.32 17.81 -26.10
N LYS A 360 8.73 18.15 -24.97
CA LYS A 360 8.23 19.48 -24.68
C LYS A 360 9.12 20.23 -23.73
N MET A 361 10.38 19.80 -23.60
CA MET A 361 11.27 20.38 -22.61
C MET A 361 11.36 21.89 -22.79
N ASP A 362 11.39 22.38 -24.03
CA ASP A 362 11.55 23.80 -24.24
C ASP A 362 10.41 24.59 -23.60
N ALA A 363 9.16 24.10 -23.73
CA ALA A 363 8.03 24.79 -23.11
C ALA A 363 8.14 24.86 -21.59
N PHE A 364 8.92 23.99 -20.97
CA PHE A 364 9.08 24.01 -19.51
C PHE A 364 10.32 24.80 -19.09
N MET A 365 10.92 25.56 -20.01
CA MET A 365 12.09 26.38 -19.73
C MET A 365 11.95 27.79 -20.31
N SER B 30 11.32 -38.95 0.80
CA SER B 30 10.82 -38.74 -0.55
C SER B 30 9.34 -39.09 -0.70
N THR B 31 8.51 -38.08 -0.98
CA THR B 31 7.05 -38.25 -0.97
C THR B 31 6.52 -38.26 -2.40
N GLN B 32 5.66 -39.22 -2.68
CA GLN B 32 5.14 -39.40 -4.02
C GLN B 32 3.96 -38.48 -4.27
N VAL B 33 3.86 -38.00 -5.51
CA VAL B 33 2.67 -37.28 -5.97
C VAL B 33 1.50 -38.23 -6.13
N ARG B 34 0.37 -37.89 -5.51
CA ARG B 34 -0.86 -38.65 -5.61
C ARG B 34 -2.02 -37.77 -5.16
N GLY B 35 -3.04 -37.66 -5.99
CA GLY B 35 -4.22 -36.88 -5.65
C GLY B 35 -5.25 -37.69 -4.90
N TYR B 36 -6.23 -36.98 -4.34
CA TYR B 36 -7.34 -37.65 -3.66
C TYR B 36 -8.10 -38.53 -4.66
N ASP B 37 -8.47 -39.73 -4.21
CA ASP B 37 -9.19 -40.72 -5.03
C ASP B 37 -10.67 -40.69 -4.65
N PHE B 38 -11.49 -40.11 -5.53
CA PHE B 38 -12.91 -39.99 -5.20
C PHE B 38 -13.62 -41.33 -5.24
N ASN B 39 -12.96 -42.41 -5.64
CA ASN B 39 -13.59 -43.70 -5.41
C ASN B 39 -13.76 -44.01 -3.93
N ARG B 40 -13.12 -43.24 -3.06
CA ARG B 40 -13.34 -43.32 -1.61
C ARG B 40 -14.61 -42.61 -1.16
N GLY B 41 -15.30 -41.91 -2.05
CA GLY B 41 -16.37 -41.02 -1.69
C GLY B 41 -15.82 -39.64 -1.36
N VAL B 42 -16.69 -38.79 -0.83
CA VAL B 42 -16.28 -37.42 -0.47
C VAL B 42 -16.06 -37.37 1.04
N ASN B 43 -14.83 -37.67 1.42
CA ASN B 43 -14.33 -37.51 2.78
C ASN B 43 -13.57 -36.19 2.76
N TYR B 44 -14.22 -35.12 3.21
CA TYR B 44 -13.64 -33.79 3.03
C TYR B 44 -12.31 -33.60 3.75
N ARG B 45 -12.19 -34.10 5.00
N ARG B 45 -12.19 -34.10 5.00
CA ARG B 45 -10.91 -33.95 5.69
CA ARG B 45 -10.91 -33.95 5.69
C ARG B 45 -9.79 -34.61 4.88
C ARG B 45 -9.79 -34.61 4.89
N ALA B 46 -10.05 -35.80 4.35
CA ALA B 46 -9.04 -36.52 3.57
C ALA B 46 -8.76 -35.81 2.25
N LEU B 47 -9.79 -35.22 1.64
CA LEU B 47 -9.59 -34.43 0.42
C LEU B 47 -8.66 -33.24 0.66
N LEU B 48 -8.88 -32.53 1.76
CA LEU B 48 -8.03 -31.39 2.07
CA LEU B 48 -8.02 -31.39 2.07
C LEU B 48 -6.60 -31.83 2.40
N GLU B 49 -6.46 -32.93 3.13
CA GLU B 49 -5.12 -33.44 3.44
C GLU B 49 -4.37 -33.84 2.17
N ALA B 50 -5.08 -34.35 1.16
CA ALA B 50 -4.44 -34.75 -0.08
C ALA B 50 -3.87 -33.58 -0.87
N PHE B 51 -4.23 -32.33 -0.54
CA PHE B 51 -3.59 -31.24 -1.27
CA PHE B 51 -3.58 -31.18 -1.17
C PHE B 51 -2.06 -31.30 -1.11
N GLY B 52 -1.56 -31.71 0.06
CA GLY B 52 -0.12 -31.79 0.28
C GLY B 52 0.65 -32.60 -0.74
N THR B 53 0.06 -33.69 -1.25
CA THR B 53 0.73 -34.52 -2.24
C THR B 53 0.21 -34.32 -3.66
N THR B 54 -0.56 -33.27 -3.90
CA THR B 54 -1.12 -33.01 -5.22
C THR B 54 -0.18 -32.17 -6.09
N GLY B 55 0.67 -31.33 -5.50
CA GLY B 55 1.65 -30.60 -6.26
C GLY B 55 1.25 -29.14 -6.49
N PHE B 56 2.22 -28.38 -7.02
CA PHE B 56 2.04 -26.98 -7.37
C PHE B 56 1.51 -26.22 -6.16
N GLN B 57 0.51 -25.33 -6.32
CA GLN B 57 0.07 -24.58 -5.15
C GLN B 57 -0.73 -25.42 -4.17
N ALA B 58 -1.31 -26.57 -4.58
CA ALA B 58 -1.93 -27.43 -3.57
C ALA B 58 -0.89 -27.89 -2.55
N THR B 59 0.32 -28.21 -3.00
CA THR B 59 1.35 -28.62 -2.04
C THR B 59 1.74 -27.46 -1.13
N ASN B 60 1.80 -26.24 -1.68
CA ASN B 60 2.11 -25.09 -0.82
C ASN B 60 1.00 -24.87 0.21
N PHE B 61 -0.25 -25.12 -0.17
CA PHE B 61 -1.33 -25.06 0.81
C PHE B 61 -1.10 -26.05 1.95
N GLY B 62 -0.75 -27.30 1.62
CA GLY B 62 -0.46 -28.26 2.69
C GLY B 62 0.68 -27.81 3.57
N ARG B 63 1.71 -27.20 2.98
CA ARG B 63 2.83 -26.68 3.75
CA ARG B 63 2.83 -26.69 3.76
C ARG B 63 2.39 -25.53 4.64
N ALA B 64 1.46 -24.70 4.15
CA ALA B 64 0.97 -23.57 4.94
C ALA B 64 0.18 -24.07 6.14
N VAL B 65 -0.63 -25.13 5.96
CA VAL B 65 -1.33 -25.74 7.09
C VAL B 65 -0.33 -26.15 8.15
N GLN B 66 0.74 -26.83 7.73
CA GLN B 66 1.75 -27.29 8.68
C GLN B 66 2.38 -26.11 9.41
N GLN B 67 2.66 -25.02 8.69
CA GLN B 67 3.35 -23.86 9.29
C GLN B 67 2.45 -23.14 10.29
N VAL B 68 1.18 -22.95 9.94
CA VAL B 68 0.22 -22.35 10.87
C VAL B 68 0.00 -23.26 12.08
N ASN B 69 -0.12 -24.59 11.86
CA ASN B 69 -0.29 -25.44 13.04
C ASN B 69 0.94 -25.40 13.95
N ALA B 70 2.13 -25.18 13.40
CA ALA B 70 3.32 -25.03 14.23
C ALA B 70 3.23 -23.75 15.07
N MET B 71 2.73 -22.66 14.47
CA MET B 71 2.49 -21.44 15.22
C MET B 71 1.54 -21.68 16.38
N ILE B 72 0.44 -22.38 16.10
CA ILE B 72 -0.56 -22.61 17.14
C ILE B 72 -0.01 -23.51 18.23
N GLU B 73 0.68 -24.60 17.85
CA GLU B 73 1.23 -25.48 18.87
C GLU B 73 2.21 -24.72 19.76
N LYS B 74 2.98 -23.82 19.19
CA LYS B 74 3.90 -23.04 20.02
C LYS B 74 3.13 -22.11 20.95
N LYS B 75 2.12 -21.43 20.42
CA LYS B 75 1.30 -20.52 21.21
C LYS B 75 0.67 -21.21 22.41
N LEU B 76 0.28 -22.47 22.27
CA LEU B 76 -0.37 -23.17 23.37
C LEU B 76 0.63 -23.76 24.37
N GLU B 77 1.93 -23.69 24.09
CA GLU B 77 2.94 -24.05 25.09
C GLU B 77 2.91 -23.07 26.26
N PRO B 78 2.93 -23.53 27.50
CA PRO B 78 3.01 -22.60 28.63
C PRO B 78 4.33 -21.84 28.62
N LEU B 79 4.33 -20.68 29.26
CA LEU B 79 5.54 -19.84 29.33
C LEU B 79 6.31 -20.15 30.62
N ARG B 93 -2.36 -4.48 27.62
CA ARG B 93 -3.22 -5.24 28.53
C ARG B 93 -3.24 -6.75 28.30
N ARG B 94 -2.93 -7.16 27.07
CA ARG B 94 -3.22 -8.52 26.60
C ARG B 94 -2.19 -9.51 27.13
N PRO B 95 -2.62 -10.67 27.66
CA PRO B 95 -1.64 -11.62 28.19
C PRO B 95 -0.69 -12.12 27.11
N LEU B 96 0.58 -12.22 27.46
CA LEU B 96 1.58 -12.74 26.55
C LEU B 96 1.44 -14.25 26.43
N THR B 97 1.71 -14.78 25.23
CA THR B 97 1.74 -16.21 24.99
C THR B 97 3.10 -16.61 24.42
N SER B 98 3.29 -17.92 24.23
CA SER B 98 4.56 -18.41 23.70
C SER B 98 4.74 -18.15 22.22
N CYS B 99 3.71 -17.69 21.50
CA CYS B 99 3.92 -17.26 20.11
C CYS B 99 2.96 -16.15 19.76
N THR B 100 3.50 -14.99 19.42
CA THR B 100 2.73 -13.83 19.02
C THR B 100 2.47 -13.89 17.52
N ILE B 101 1.20 -13.95 17.13
CA ILE B 101 0.81 -14.09 15.74
C ILE B 101 0.28 -12.76 15.21
N PHE B 102 0.91 -12.31 14.13
CA PHE B 102 0.52 -11.10 13.41
C PHE B 102 -0.32 -11.53 12.21
N LEU B 103 -1.51 -10.97 12.08
CA LEU B 103 -2.38 -11.22 10.94
C LEU B 103 -2.56 -9.93 10.15
N GLY B 104 -2.17 -9.96 8.89
CA GLY B 104 -2.34 -8.82 7.99
C GLY B 104 -3.22 -9.16 6.81
N TYR B 105 -4.00 -8.18 6.35
CA TYR B 105 -4.89 -8.38 5.21
C TYR B 105 -5.16 -7.06 4.51
N THR B 106 -5.25 -7.11 3.17
CA THR B 106 -5.60 -5.94 2.38
C THR B 106 -7.07 -5.58 2.53
N SER B 107 -7.42 -4.33 2.16
CA SER B 107 -8.75 -3.77 2.46
C SER B 107 -9.86 -4.58 1.78
N ASN B 108 -9.62 -4.96 0.51
CA ASN B 108 -10.62 -5.68 -0.25
C ASN B 108 -11.04 -6.99 0.40
N LEU B 109 -10.17 -7.60 1.21
CA LEU B 109 -10.56 -8.85 1.88
C LEU B 109 -11.60 -8.59 2.98
N ILE B 110 -11.69 -7.36 3.49
CA ILE B 110 -12.79 -7.02 4.39
C ILE B 110 -14.05 -6.71 3.61
N SER B 111 -13.93 -6.23 2.36
CA SER B 111 -15.13 -6.12 1.53
C SER B 111 -15.73 -7.49 1.27
N SER B 112 -14.87 -8.49 1.12
CA SER B 112 -15.24 -9.88 0.85
C SER B 112 -15.77 -10.54 2.11
N GLY B 113 -16.25 -11.76 1.95
CA GLY B 113 -16.69 -12.56 3.08
C GLY B 113 -15.58 -13.05 3.99
N ILE B 114 -14.32 -12.87 3.60
CA ILE B 114 -13.21 -13.18 4.51
C ILE B 114 -13.29 -12.30 5.76
N ARG B 115 -14.08 -11.23 5.70
CA ARG B 115 -14.41 -10.47 6.91
C ARG B 115 -14.92 -11.37 8.03
N GLU B 116 -15.79 -12.34 7.70
CA GLU B 116 -16.29 -13.27 8.72
C GLU B 116 -15.18 -14.17 9.24
N THR B 117 -14.28 -14.62 8.36
CA THR B 117 -13.19 -15.49 8.78
C THR B 117 -12.28 -14.77 9.78
N ILE B 118 -11.92 -13.53 9.46
CA ILE B 118 -11.07 -12.73 10.34
C ILE B 118 -11.79 -12.45 11.67
N ARG B 119 -13.05 -12.04 11.60
CA ARG B 119 -13.80 -11.78 12.83
C ARG B 119 -13.74 -12.99 13.77
N TYR B 120 -13.91 -14.19 13.23
CA TYR B 120 -13.88 -15.39 14.07
C TYR B 120 -12.54 -15.55 14.79
N LEU B 121 -11.43 -15.37 14.06
CA LEU B 121 -10.12 -15.51 14.70
C LEU B 121 -9.95 -14.48 15.80
N VAL B 122 -10.41 -13.28 15.56
CA VAL B 122 -10.21 -12.19 16.53
C VAL B 122 -11.14 -12.40 17.72
N GLN B 123 -12.38 -12.77 17.44
CA GLN B 123 -13.34 -13.08 18.50
C GLN B 123 -12.77 -14.07 19.51
N HIS B 124 -12.04 -15.08 19.05
CA HIS B 124 -11.58 -16.14 19.95
C HIS B 124 -10.10 -16.01 20.32
N ASN B 125 -9.55 -14.81 20.21
CA ASN B 125 -8.20 -14.54 20.70
C ASN B 125 -7.16 -15.43 20.03
N MET B 126 -7.38 -15.79 18.78
CA MET B 126 -6.46 -16.71 18.12
C MET B 126 -5.25 -16.01 17.51
N VAL B 127 -5.31 -14.70 17.29
CA VAL B 127 -4.18 -13.92 16.81
C VAL B 127 -4.00 -12.74 17.75
N ASP B 128 -2.86 -12.08 17.64
CA ASP B 128 -2.45 -11.10 18.64
C ASP B 128 -2.32 -9.66 18.14
N VAL B 129 -2.06 -9.47 16.85
CA VAL B 129 -1.87 -8.15 16.26
C VAL B 129 -2.51 -8.19 14.89
N LEU B 130 -3.29 -7.15 14.56
CA LEU B 130 -3.89 -7.00 13.23
C LEU B 130 -3.24 -5.83 12.52
N VAL B 131 -2.99 -5.98 11.22
CA VAL B 131 -2.54 -4.88 10.37
C VAL B 131 -3.40 -4.89 9.11
N THR B 132 -4.02 -3.77 8.82
CA THR B 132 -4.84 -3.61 7.61
C THR B 132 -4.77 -2.15 7.17
N THR B 133 -5.10 -1.93 5.90
CA THR B 133 -5.23 -0.59 5.38
C THR B 133 -6.60 -0.02 5.72
N ALA B 134 -6.80 1.26 5.37
CA ALA B 134 -7.94 2.00 5.90
C ALA B 134 -9.27 1.40 5.49
N GLY B 135 -9.39 0.99 4.22
CA GLY B 135 -10.63 0.33 3.80
C GLY B 135 -10.94 -0.89 4.65
N GLY B 136 -9.93 -1.64 5.03
CA GLY B 136 -10.12 -2.80 5.90
C GLY B 136 -10.59 -2.47 7.29
N VAL B 137 -10.48 -1.22 7.71
CA VAL B 137 -11.12 -0.78 8.95
C VAL B 137 -12.56 -0.37 8.67
N GLU B 138 -12.72 0.62 7.80
CA GLU B 138 -14.03 1.27 7.66
C GLU B 138 -15.10 0.31 7.14
N GLU B 139 -14.76 -0.61 6.23
CA GLU B 139 -15.79 -1.47 5.65
C GLU B 139 -16.31 -2.52 6.64
N ASP B 140 -15.52 -2.91 7.64
CA ASP B 140 -16.04 -3.75 8.72
C ASP B 140 -17.13 -3.01 9.50
N LEU B 141 -16.90 -1.74 9.79
CA LEU B 141 -17.89 -0.95 10.52
C LEU B 141 -19.12 -0.70 9.66
N ILE B 142 -18.91 -0.32 8.41
CA ILE B 142 -20.04 -0.06 7.51
C ILE B 142 -20.91 -1.28 7.33
N LYS B 143 -20.32 -2.49 7.31
CA LYS B 143 -21.10 -3.70 7.16
C LYS B 143 -22.05 -3.95 8.33
N CYS B 144 -21.81 -3.32 9.47
CA CYS B 144 -22.76 -3.36 10.58
C CYS B 144 -23.95 -2.45 10.36
N LEU B 145 -23.85 -1.50 9.40
CA LEU B 145 -24.91 -0.55 9.09
C LEU B 145 -25.70 -0.91 7.84
N ALA B 146 -25.05 -1.54 6.85
CA ALA B 146 -25.68 -1.88 5.58
C ALA B 146 -24.80 -2.91 4.85
N PRO B 147 -25.40 -3.80 4.04
CA PRO B 147 -24.61 -4.86 3.42
C PRO B 147 -23.91 -4.44 2.13
N THR B 148 -22.92 -5.23 1.76
CA THR B 148 -22.26 -5.21 0.47
C THR B 148 -22.84 -6.33 -0.37
N TYR B 149 -22.95 -6.10 -1.69
CA TYR B 149 -23.68 -7.02 -2.55
C TYR B 149 -22.76 -7.63 -3.60
N LEU B 150 -23.18 -8.78 -4.12
CA LEU B 150 -22.46 -9.44 -5.20
C LEU B 150 -22.78 -8.77 -6.52
N GLY B 151 -21.76 -8.63 -7.37
CA GLY B 151 -21.95 -8.09 -8.70
C GLY B 151 -21.11 -8.84 -9.71
N GLU B 152 -20.47 -8.13 -10.64
CA GLU B 152 -19.63 -8.68 -11.69
C GLU B 152 -18.50 -7.69 -11.94
N PHE B 153 -17.33 -8.23 -12.32
CA PHE B 153 -16.19 -7.35 -12.62
C PHE B 153 -16.48 -6.44 -13.81
N SER B 154 -17.31 -6.90 -14.75
CA SER B 154 -17.46 -6.24 -16.05
C SER B 154 -18.48 -5.11 -16.07
N LEU B 155 -19.16 -4.84 -14.97
CA LEU B 155 -20.13 -3.76 -14.93
C LEU B 155 -19.45 -2.42 -15.24
N ARG B 156 -20.10 -1.62 -16.08
CA ARG B 156 -19.50 -0.39 -16.60
C ARG B 156 -19.58 0.75 -15.59
N GLY B 157 -18.49 1.49 -15.46
CA GLY B 157 -18.38 2.48 -14.40
C GLY B 157 -19.38 3.62 -14.56
N LYS B 158 -19.64 4.03 -15.79
CA LYS B 158 -20.57 5.13 -16.05
C LYS B 158 -21.96 4.82 -15.52
N GLU B 159 -22.55 3.69 -15.96
CA GLU B 159 -23.89 3.34 -15.51
CA GLU B 159 -23.90 3.35 -15.50
C GLU B 159 -23.93 3.16 -14.00
N LEU B 160 -22.87 2.57 -13.42
CA LEU B 160 -22.83 2.41 -11.96
C LEU B 160 -22.84 3.75 -11.26
N ARG B 161 -21.96 4.67 -11.71
CA ARG B 161 -21.85 5.99 -11.08
C ARG B 161 -23.17 6.73 -11.18
N GLU B 162 -23.82 6.64 -12.33
CA GLU B 162 -25.10 7.33 -12.51
C GLU B 162 -26.13 6.82 -11.53
N ASN B 163 -25.99 5.58 -11.07
CA ASN B 163 -26.91 5.01 -10.10
C ASN B 163 -26.37 5.03 -8.69
N GLY B 164 -25.24 5.69 -8.47
CA GLY B 164 -24.69 5.79 -7.13
C GLY B 164 -24.28 4.45 -6.55
N ILE B 165 -23.67 3.60 -7.36
CA ILE B 165 -23.20 2.29 -6.94
C ILE B 165 -21.69 2.24 -7.15
N ASN B 166 -20.95 1.90 -6.12
CA ASN B 166 -19.50 1.82 -6.16
C ASN B 166 -19.10 0.37 -6.35
N ARG B 167 -18.14 0.12 -7.25
CA ARG B 167 -17.68 -1.24 -7.54
C ARG B 167 -16.37 -1.54 -6.82
N ILE B 168 -16.29 -2.72 -6.21
CA ILE B 168 -15.08 -3.25 -5.60
C ILE B 168 -14.90 -4.66 -6.18
N GLY B 169 -14.11 -4.77 -7.23
CA GLY B 169 -13.97 -6.08 -7.87
C GLY B 169 -15.31 -6.53 -8.43
N ASN B 170 -15.78 -7.69 -8.02
CA ASN B 170 -17.11 -8.13 -8.38
C ASN B 170 -18.11 -7.93 -7.27
N LEU B 171 -17.86 -6.97 -6.37
CA LEU B 171 -18.77 -6.59 -5.29
C LEU B 171 -19.29 -5.18 -5.52
N LEU B 172 -20.40 -4.86 -4.87
CA LEU B 172 -21.08 -3.58 -5.07
C LEU B 172 -21.43 -2.99 -3.72
N VAL B 173 -21.08 -1.72 -3.51
CA VAL B 173 -21.42 -0.96 -2.30
C VAL B 173 -22.22 0.27 -2.69
N PRO B 174 -23.49 0.38 -2.28
CA PRO B 174 -24.27 1.58 -2.61
C PRO B 174 -23.73 2.81 -1.90
N ASN B 175 -23.91 3.96 -2.55
CA ASN B 175 -23.50 5.23 -1.95
C ASN B 175 -24.15 5.43 -0.59
N GLU B 176 -25.38 4.94 -0.44
CA GLU B 176 -26.13 5.14 0.79
C GLU B 176 -25.39 4.53 1.98
N ASN B 177 -24.59 3.50 1.76
CA ASN B 177 -23.79 2.91 2.83
C ASN B 177 -22.86 3.96 3.45
N TYR B 178 -22.25 4.80 2.64
CA TYR B 178 -21.37 5.83 3.15
C TYR B 178 -22.10 7.00 3.80
N CSS B 179 -23.36 7.24 3.42
CA CSS B 179 -24.13 8.27 4.10
CB CSS B 179 -25.44 8.58 3.38
SG CSS B 179 -25.20 9.17 1.71
SD CSS B 179 -23.77 10.72 1.89
C CSS B 179 -24.41 7.84 5.56
O CSS B 179 -24.24 8.59 6.52
N LYS B 180 -24.85 6.58 5.70
CA LYS B 180 -24.99 5.96 7.02
C LYS B 180 -23.72 6.06 7.83
N PHE B 181 -22.60 5.76 7.20
CA PHE B 181 -21.31 5.88 7.86
C PHE B 181 -21.08 7.30 8.34
N GLU B 182 -21.36 8.29 7.48
CA GLU B 182 -21.18 9.68 7.87
C GLU B 182 -22.01 10.01 9.11
N ASP B 183 -23.30 9.65 9.08
CA ASP B 183 -24.19 9.98 10.20
C ASP B 183 -23.73 9.31 11.49
N TRP B 184 -23.20 8.09 11.36
CA TRP B 184 -22.70 7.34 12.51
C TRP B 184 -21.41 7.95 13.04
N LEU B 185 -20.51 8.34 12.13
CA LEU B 185 -19.15 8.65 12.56
C LEU B 185 -19.00 10.09 13.07
N MET B 186 -19.72 11.04 12.49
CA MET B 186 -19.44 12.44 12.82
C MET B 186 -19.58 12.73 14.32
N PRO B 187 -20.58 12.22 15.03
CA PRO B 187 -20.63 12.46 16.48
C PRO B 187 -19.43 11.91 17.22
N ILE B 188 -18.87 10.79 16.75
CA ILE B 188 -17.68 10.23 17.38
C ILE B 188 -16.48 11.14 17.15
N LEU B 189 -16.33 11.66 15.93
CA LEU B 189 -15.22 12.57 15.68
C LEU B 189 -15.34 13.80 16.58
N ASP B 190 -16.57 14.28 16.81
CA ASP B 190 -16.75 15.41 17.73
C ASP B 190 -16.20 15.10 19.11
N GLN B 191 -16.52 13.92 19.63
CA GLN B 191 -16.05 13.52 20.96
C GLN B 191 -14.53 13.33 20.98
N MET B 192 -13.95 12.80 19.90
CA MET B 192 -12.51 12.58 19.88
C MET B 192 -11.76 13.90 19.93
N VAL B 193 -12.23 14.90 19.18
CA VAL B 193 -11.61 16.22 19.22
C VAL B 193 -11.75 16.83 20.62
N MET B 194 -12.92 16.67 21.24
CA MET B 194 -13.12 17.19 22.59
CA MET B 194 -13.13 17.18 22.59
C MET B 194 -12.15 16.52 23.57
N GLU B 195 -12.05 15.19 23.51
CA GLU B 195 -11.15 14.49 24.43
C GLU B 195 -9.69 14.87 24.19
N GLN B 196 -9.32 15.14 22.94
CA GLN B 196 -7.96 15.58 22.64
C GLN B 196 -7.69 16.93 23.30
N ASN B 197 -8.63 17.86 23.16
CA ASN B 197 -8.37 19.23 23.55
C ASN B 197 -8.63 19.48 25.02
N THR B 198 -9.44 18.65 25.68
CA THR B 198 -9.81 18.89 27.06
C THR B 198 -9.34 17.81 28.01
N GLU B 199 -9.03 16.61 27.54
CA GLU B 199 -8.53 15.53 28.39
C GLU B 199 -7.12 15.06 28.01
N GLY B 200 -6.44 15.76 27.09
CA GLY B 200 -5.05 15.46 26.76
C GLY B 200 -4.83 14.24 25.90
N VAL B 201 -5.86 13.68 25.30
CA VAL B 201 -5.68 12.45 24.53
C VAL B 201 -4.84 12.72 23.29
N LYS B 202 -3.86 11.85 23.02
CA LYS B 202 -3.02 11.90 21.83
C LYS B 202 -3.39 10.72 20.94
N TRP B 203 -4.24 10.99 19.94
CA TRP B 203 -4.75 9.91 19.10
C TRP B 203 -3.68 9.41 18.14
N THR B 204 -3.77 8.11 17.85
CA THR B 204 -3.04 7.42 16.80
C THR B 204 -4.05 6.56 16.06
N PRO B 205 -3.70 6.03 14.88
CA PRO B 205 -4.62 5.12 14.18
C PRO B 205 -5.08 3.96 15.06
N SER B 206 -4.17 3.29 15.78
CA SER B 206 -4.59 2.13 16.56
C SER B 206 -5.56 2.53 17.66
N LYS B 207 -5.34 3.69 18.30
CA LYS B 207 -6.26 4.13 19.35
C LYS B 207 -7.62 4.51 18.79
N MET B 208 -7.64 5.13 17.61
CA MET B 208 -8.93 5.44 16.97
C MET B 208 -9.67 4.15 16.59
N ILE B 209 -8.95 3.14 16.10
CA ILE B 209 -9.60 1.89 15.70
C ILE B 209 -10.19 1.18 16.91
N ALA B 210 -9.49 1.19 18.05
CA ALA B 210 -10.06 0.61 19.26
C ALA B 210 -11.35 1.33 19.65
N ARG B 211 -11.34 2.67 19.61
CA ARG B 211 -12.53 3.43 19.93
C ARG B 211 -13.67 3.14 18.97
N LEU B 212 -13.38 3.05 17.67
CA LEU B 212 -14.44 2.82 16.70
C LEU B 212 -15.05 1.43 16.92
N GLY B 213 -14.21 0.46 17.28
CA GLY B 213 -14.71 -0.86 17.59
C GLY B 213 -15.61 -0.86 18.81
N LYS B 214 -15.24 -0.11 19.84
CA LYS B 214 -16.11 -0.02 21.00
C LYS B 214 -17.42 0.67 20.64
N GLU B 215 -17.36 1.72 19.81
CA GLU B 215 -18.56 2.45 19.44
C GLU B 215 -19.51 1.59 18.61
N ILE B 216 -18.98 0.76 17.71
CA ILE B 216 -19.88 0.00 16.83
C ILE B 216 -20.66 -1.05 17.63
N ASN B 217 -20.07 -1.56 18.70
CA ASN B 217 -20.81 -2.31 19.72
C ASN B 217 -21.68 -3.40 19.08
N ASN B 218 -21.06 -4.22 18.25
CA ASN B 218 -21.78 -5.17 17.42
C ASN B 218 -20.91 -6.41 17.21
N PRO B 219 -21.37 -7.59 17.61
CA PRO B 219 -20.49 -8.79 17.57
C PRO B 219 -20.22 -9.33 16.18
N GLU B 220 -20.80 -8.76 15.15
CA GLU B 220 -20.41 -9.10 13.79
C GLU B 220 -19.12 -8.40 13.36
N SER B 221 -18.65 -7.42 14.14
CA SER B 221 -17.56 -6.56 13.72
C SER B 221 -16.21 -7.10 14.20
N VAL B 222 -15.24 -7.15 13.28
CA VAL B 222 -13.85 -7.48 13.64
C VAL B 222 -13.35 -6.57 14.76
N TYR B 223 -13.51 -5.25 14.61
CA TYR B 223 -12.86 -4.28 15.52
C TYR B 223 -13.59 -4.16 16.85
N TYR B 224 -14.89 -4.50 16.90
CA TYR B 224 -15.54 -4.71 18.19
C TYR B 224 -14.81 -5.76 19.00
N TRP B 225 -14.57 -6.94 18.41
CA TRP B 225 -13.88 -7.99 19.14
C TRP B 225 -12.44 -7.63 19.42
N ALA B 226 -11.78 -6.96 18.48
CA ALA B 226 -10.38 -6.63 18.70
C ALA B 226 -10.21 -5.79 19.96
N GLN B 227 -11.02 -4.73 20.09
CA GLN B 227 -10.82 -3.87 21.27
C GLN B 227 -11.22 -4.61 22.54
N LYS B 228 -12.27 -5.42 22.47
CA LYS B 228 -12.69 -6.18 23.65
C LYS B 228 -11.59 -7.12 24.11
N ASN B 229 -10.86 -7.73 23.16
CA ASN B 229 -9.83 -8.71 23.47
C ASN B 229 -8.43 -8.10 23.55
N HIS B 230 -8.33 -6.78 23.51
CA HIS B 230 -7.06 -6.07 23.64
C HIS B 230 -6.07 -6.47 22.54
N ILE B 231 -6.61 -6.66 21.33
CA ILE B 231 -5.82 -6.93 20.13
C ILE B 231 -5.64 -5.61 19.39
N PRO B 232 -4.43 -5.06 19.33
CA PRO B 232 -4.24 -3.77 18.63
C PRO B 232 -4.29 -3.94 17.12
N VAL B 233 -4.75 -2.88 16.45
CA VAL B 233 -4.88 -2.83 14.99
C VAL B 233 -4.04 -1.66 14.50
N PHE B 234 -3.08 -1.93 13.62
CA PHE B 234 -2.24 -0.88 13.07
C PHE B 234 -2.62 -0.63 11.61
N SER B 235 -2.62 0.65 11.23
CA SER B 235 -3.04 1.10 9.89
C SER B 235 -2.42 2.48 9.70
N PRO B 236 -1.12 2.55 9.36
CA PRO B 236 -0.46 3.87 9.39
C PRO B 236 -1.00 4.86 8.36
N ALA B 237 -1.60 4.41 7.27
CA ALA B 237 -2.26 5.32 6.32
C ALA B 237 -3.77 5.28 6.47
N LEU B 238 -4.24 5.51 7.69
CA LEU B 238 -5.66 5.40 7.98
C LEU B 238 -6.50 6.45 7.25
N THR B 239 -5.87 7.53 6.79
CA THR B 239 -6.57 8.56 6.02
C THR B 239 -6.89 8.16 4.59
N ASP B 240 -6.42 6.99 4.12
CA ASP B 240 -6.58 6.66 2.69
C ASP B 240 -7.84 5.83 2.47
N GLY B 241 -8.97 6.51 2.55
CA GLY B 241 -10.27 5.87 2.38
C GLY B 241 -11.41 6.77 2.88
N SER B 242 -12.55 6.13 3.14
CA SER B 242 -13.76 6.87 3.54
C SER B 242 -13.61 7.51 4.91
N LEU B 243 -12.96 6.82 5.85
CA LEU B 243 -12.67 7.44 7.14
C LEU B 243 -11.92 8.75 6.94
N GLY B 244 -10.97 8.75 5.99
CA GLY B 244 -10.30 9.99 5.63
C GLY B 244 -11.25 11.05 5.10
N ASP B 245 -12.12 10.66 4.15
CA ASP B 245 -13.13 11.60 3.67
C ASP B 245 -13.81 12.29 4.83
N MET B 246 -14.23 11.49 5.84
CA MET B 246 -15.03 12.02 6.94
C MET B 246 -14.21 12.94 7.84
N ILE B 247 -13.00 12.50 8.19
CA ILE B 247 -12.11 13.37 8.96
C ILE B 247 -11.89 14.68 8.23
N PHE B 248 -11.69 14.61 6.92
CA PHE B 248 -11.48 15.79 6.09
C PHE B 248 -12.67 16.75 6.18
N PHE B 249 -13.87 16.24 5.91
CA PHE B 249 -15.04 17.12 5.99
C PHE B 249 -15.27 17.62 7.40
N HIS B 250 -15.15 16.73 8.39
CA HIS B 250 -15.30 17.13 9.78
C HIS B 250 -14.35 18.24 10.16
N SER B 251 -13.15 18.23 9.60
CA SER B 251 -12.12 19.15 10.06
C SER B 251 -12.43 20.61 9.70
N TYR B 252 -13.35 20.85 8.78
CA TYR B 252 -13.65 22.24 8.48
C TYR B 252 -14.61 22.85 9.48
N LYS B 253 -15.46 22.03 10.09
CA LYS B 253 -16.37 22.48 11.13
C LYS B 253 -15.74 22.40 12.51
N ASN B 254 -14.86 21.43 12.72
CA ASN B 254 -14.29 21.13 14.03
C ASN B 254 -12.83 20.80 13.81
N PRO B 255 -12.01 21.81 13.53
CA PRO B 255 -10.62 21.57 13.13
C PRO B 255 -9.74 21.12 14.29
N GLY B 256 -8.63 20.46 13.95
CA GLY B 256 -7.59 20.20 14.91
C GLY B 256 -7.29 18.74 15.18
N LEU B 257 -8.07 17.79 14.71
CA LEU B 257 -7.80 16.41 15.05
C LEU B 257 -6.39 16.03 14.56
N VAL B 258 -5.60 15.41 15.43
CA VAL B 258 -4.28 14.90 15.07
C VAL B 258 -4.25 13.38 15.18
N LEU B 259 -3.68 12.73 14.16
CA LEU B 259 -3.41 11.29 14.21
C LEU B 259 -1.90 11.09 14.04
N ASP B 260 -1.22 10.74 15.13
CA ASP B 260 0.23 10.54 15.12
C ASP B 260 0.56 9.10 14.69
N ILE B 261 1.45 8.96 13.71
CA ILE B 261 1.87 7.61 13.29
C ILE B 261 3.15 7.19 14.00
N VAL B 262 3.84 8.11 14.68
CA VAL B 262 5.10 7.72 15.30
C VAL B 262 4.84 6.84 16.52
N GLU B 263 3.89 7.21 17.37
CA GLU B 263 3.66 6.38 18.55
C GLU B 263 3.21 4.98 18.14
N ASP B 264 2.42 4.88 17.05
CA ASP B 264 1.96 3.57 16.59
C ASP B 264 3.10 2.73 16.04
N LEU B 265 4.16 3.37 15.51
CA LEU B 265 5.33 2.60 15.09
C LEU B 265 6.04 1.99 16.30
N ARG B 266 6.18 2.77 17.38
CA ARG B 266 6.71 2.16 18.60
C ARG B 266 5.83 1.02 19.07
N LEU B 267 4.51 1.20 19.02
CA LEU B 267 3.63 0.16 19.57
C LEU B 267 3.74 -1.15 18.79
N ILE B 268 3.73 -1.12 17.45
CA ILE B 268 3.81 -2.39 16.71
C ILE B 268 5.20 -3.02 16.85
N ASN B 269 6.25 -2.20 16.82
CA ASN B 269 7.59 -2.78 16.90
C ASN B 269 7.82 -3.45 18.25
N THR B 270 7.28 -2.90 19.34
CA THR B 270 7.47 -3.52 20.66
C THR B 270 6.73 -4.87 20.76
N GLN B 271 5.63 -5.03 20.02
CA GLN B 271 4.94 -6.33 19.98
C GLN B 271 5.86 -7.43 19.46
N ALA B 272 6.69 -7.10 18.48
CA ALA B 272 7.65 -8.07 17.97
C ALA B 272 8.86 -8.20 18.89
N ILE B 273 9.41 -7.05 19.36
CA ILE B 273 10.68 -7.09 20.08
C ILE B 273 10.57 -7.94 21.34
N PHE B 274 9.44 -7.86 22.05
CA PHE B 274 9.31 -8.55 23.32
C PHE B 274 8.54 -9.86 23.22
N ALA B 275 8.41 -10.41 22.03
CA ALA B 275 7.77 -11.72 21.87
C ALA B 275 8.74 -12.85 22.14
N LYS B 276 8.21 -13.97 22.63
CA LYS B 276 9.02 -15.19 22.78
C LYS B 276 9.26 -15.84 21.42
N CSS B 277 8.21 -15.90 20.60
CA CSS B 277 8.29 -16.43 19.24
CB CSS B 277 7.94 -17.90 19.09
SG CSS B 277 8.86 -19.05 20.07
SD CSS B 277 10.58 -19.55 18.96
C CSS B 277 7.29 -15.60 18.46
O CSS B 277 6.33 -15.04 19.02
N THR B 278 7.50 -15.47 17.14
CA THR B 278 6.48 -14.82 16.33
C THR B 278 6.11 -15.62 15.08
N GLY B 279 4.85 -15.48 14.67
CA GLY B 279 4.40 -15.93 13.37
C GLY B 279 3.73 -14.79 12.62
N MET B 280 3.91 -14.80 11.30
CA MET B 280 3.24 -13.86 10.42
C MET B 280 2.32 -14.64 9.50
N ILE B 281 1.06 -14.23 9.43
CA ILE B 281 0.09 -14.74 8.47
C ILE B 281 -0.38 -13.51 7.69
N ILE B 282 0.01 -13.42 6.41
CA ILE B 282 -0.20 -12.20 5.63
CA ILE B 282 -0.16 -12.21 5.61
C ILE B 282 -1.00 -12.53 4.38
N LEU B 283 -2.18 -11.89 4.26
CA LEU B 283 -3.07 -12.02 3.10
C LEU B 283 -2.91 -10.78 2.25
N GLY B 284 -2.36 -10.95 1.05
CA GLY B 284 -2.10 -9.82 0.15
C GLY B 284 -0.77 -9.15 0.46
N GLY B 285 -0.56 -8.01 -0.20
CA GLY B 285 0.73 -7.33 -0.14
C GLY B 285 0.60 -5.89 0.31
N GLY B 286 1.49 -5.06 -0.17
CA GLY B 286 1.48 -3.63 0.13
C GLY B 286 1.97 -3.28 1.53
N VAL B 287 1.46 -2.16 2.04
CA VAL B 287 1.86 -1.69 3.37
C VAL B 287 1.63 -2.75 4.44
N VAL B 288 0.52 -3.49 4.36
CA VAL B 288 0.23 -4.46 5.41
CA VAL B 288 0.23 -4.46 5.41
C VAL B 288 1.35 -5.50 5.50
N LYS B 289 1.81 -5.99 4.37
CA LYS B 289 2.85 -7.04 4.38
C LYS B 289 4.18 -6.50 4.88
N HIS B 290 4.63 -5.35 4.36
CA HIS B 290 5.92 -4.82 4.76
C HIS B 290 5.92 -4.37 6.23
N HIS B 291 4.81 -3.80 6.71
CA HIS B 291 4.78 -3.26 8.07
C HIS B 291 4.92 -4.36 9.10
N ILE B 292 4.27 -5.51 8.86
CA ILE B 292 4.46 -6.65 9.74
C ILE B 292 5.88 -7.20 9.62
N ALA B 293 6.38 -7.33 8.38
CA ALA B 293 7.74 -7.85 8.20
C ALA B 293 8.78 -6.97 8.87
N ASN B 294 8.63 -5.67 8.74
CA ASN B 294 9.62 -4.74 9.31
C ASN B 294 9.57 -4.73 10.83
N ALA B 295 8.39 -4.86 11.42
CA ALA B 295 8.31 -5.05 12.87
C ALA B 295 9.10 -6.28 13.29
N ASN B 296 8.97 -7.36 12.52
CA ASN B 296 9.69 -8.58 12.89
C ASN B 296 11.19 -8.49 12.61
N LEU B 297 11.62 -7.63 11.68
CA LEU B 297 13.05 -7.38 11.54
C LEU B 297 13.65 -6.88 12.85
N MET B 298 12.87 -6.13 13.65
CA MET B 298 13.39 -5.57 14.90
C MET B 298 13.75 -6.65 15.91
N ARG B 299 13.28 -7.90 15.74
CA ARG B 299 13.69 -9.00 16.61
C ARG B 299 14.62 -9.97 15.90
N ASN B 300 15.19 -9.53 14.77
CA ASN B 300 15.99 -10.35 13.86
C ASN B 300 15.21 -11.49 13.22
N GLY B 301 13.91 -11.33 13.12
CA GLY B 301 13.16 -12.17 12.21
C GLY B 301 12.03 -12.94 12.85
N ALA B 302 10.98 -13.17 12.06
CA ALA B 302 9.89 -14.06 12.46
C ALA B 302 10.35 -15.52 12.45
N ASP B 303 9.79 -16.30 13.37
CA ASP B 303 10.07 -17.73 13.42
C ASP B 303 9.25 -18.55 12.43
N TYR B 304 8.02 -18.09 12.14
CA TYR B 304 7.09 -18.76 11.23
C TYR B 304 6.47 -17.71 10.31
N ALA B 305 6.20 -18.10 9.08
CA ALA B 305 5.59 -17.15 8.16
C ALA B 305 4.83 -17.86 7.04
N VAL B 306 3.61 -17.40 6.81
CA VAL B 306 2.77 -17.86 5.69
C VAL B 306 2.26 -16.64 4.95
N TYR B 307 2.54 -16.57 3.64
CA TYR B 307 1.99 -15.55 2.74
C TYR B 307 0.92 -16.22 1.88
N ILE B 308 -0.24 -15.57 1.71
CA ILE B 308 -1.17 -15.94 0.64
C ILE B 308 -1.36 -14.68 -0.20
N ASN B 309 -0.82 -14.67 -1.41
CA ASN B 309 -1.04 -13.49 -2.23
C ASN B 309 -0.84 -13.84 -3.71
N THR B 310 -1.39 -12.98 -4.54
CA THR B 310 -1.40 -13.16 -5.99
C THR B 310 -0.27 -12.42 -6.69
N ALA B 311 0.55 -11.68 -5.95
CA ALA B 311 1.59 -10.86 -6.60
C ALA B 311 2.76 -11.73 -7.02
N GLN B 312 3.49 -11.27 -8.04
CA GLN B 312 4.61 -11.99 -8.63
C GLN B 312 5.89 -11.17 -8.45
N GLU B 313 7.03 -11.85 -8.42
CA GLU B 313 8.26 -11.15 -8.04
C GLU B 313 8.84 -10.28 -9.15
N PHE B 314 8.51 -10.54 -10.42
CA PHE B 314 9.31 -10.03 -11.54
C PHE B 314 9.38 -8.51 -11.63
N ASP B 315 8.42 -7.78 -11.06
CA ASP B 315 8.39 -6.33 -11.14
C ASP B 315 9.20 -5.68 -10.02
N GLY B 316 9.89 -6.49 -9.21
CA GLY B 316 10.70 -5.93 -8.10
C GLY B 316 9.93 -5.46 -6.90
N SER B 317 8.61 -5.67 -6.88
CA SER B 317 7.75 -5.14 -5.85
C SER B 317 7.95 -5.83 -4.52
N ASP B 318 7.70 -5.10 -3.42
CA ASP B 318 7.67 -5.79 -2.13
C ASP B 318 6.49 -6.76 -2.07
N SER B 319 5.34 -6.38 -2.65
CA SER B 319 4.14 -7.23 -2.63
C SER B 319 4.45 -8.60 -3.20
N GLY B 320 5.17 -8.63 -4.33
CA GLY B 320 5.45 -9.86 -5.04
C GLY B 320 6.71 -10.60 -4.61
N ALA B 321 7.46 -10.05 -3.67
CA ALA B 321 8.73 -10.68 -3.27
C ALA B 321 8.47 -12.01 -2.57
N ARG B 322 9.31 -13.00 -2.88
CA ARG B 322 9.22 -14.27 -2.21
C ARG B 322 9.65 -14.14 -0.75
N PRO B 323 9.19 -15.07 0.12
CA PRO B 323 9.67 -15.03 1.52
C PRO B 323 11.18 -14.98 1.61
N ASP B 324 11.88 -15.62 0.69
CA ASP B 324 13.34 -15.66 0.81
C ASP B 324 13.97 -14.29 0.62
N GLU B 325 13.29 -13.35 -0.03
CA GLU B 325 13.82 -11.98 -0.06
C GLU B 325 13.87 -11.42 1.35
N ALA B 326 12.83 -11.68 2.13
CA ALA B 326 12.75 -11.15 3.49
C ALA B 326 13.81 -11.76 4.38
N VAL B 327 14.28 -12.97 4.05
CA VAL B 327 15.41 -13.56 4.77
C VAL B 327 16.67 -12.71 4.61
N SER B 328 16.88 -12.17 3.39
CA SER B 328 18.08 -11.36 3.17
C SER B 328 18.13 -10.16 4.10
N TRP B 329 16.97 -9.54 4.39
CA TRP B 329 16.84 -8.33 5.20
CA TRP B 329 17.06 -8.33 5.21
C TRP B 329 16.76 -8.59 6.69
N GLY B 330 16.48 -9.83 7.09
CA GLY B 330 16.33 -10.17 8.49
C GLY B 330 14.93 -10.17 9.02
N ALA B 331 13.92 -10.05 8.16
CA ALA B 331 12.53 -10.05 8.62
C ALA B 331 12.01 -11.46 8.87
N ILE B 332 12.62 -12.48 8.26
CA ILE B 332 12.33 -13.89 8.49
C ILE B 332 13.65 -14.54 8.86
N ARG B 333 13.65 -15.33 9.94
CA ARG B 333 14.89 -15.94 10.40
C ARG B 333 15.47 -16.87 9.35
N VAL B 334 16.80 -17.01 9.38
CA VAL B 334 17.47 -17.84 8.40
C VAL B 334 17.08 -19.30 8.57
N ASP B 335 16.71 -19.71 9.77
CA ASP B 335 16.33 -21.09 10.03
C ASP B 335 14.82 -21.33 9.98
N ALA B 336 14.04 -20.34 9.59
CA ALA B 336 12.61 -20.55 9.38
C ALA B 336 12.39 -21.31 8.07
N GLN B 337 11.19 -21.88 7.93
CA GLN B 337 10.72 -22.56 6.72
C GLN B 337 9.43 -21.90 6.26
N PRO B 338 9.50 -20.68 5.75
CA PRO B 338 8.29 -19.95 5.38
C PRO B 338 7.64 -20.53 4.13
N VAL B 339 6.38 -20.18 3.94
CA VAL B 339 5.55 -20.70 2.86
C VAL B 339 4.79 -19.57 2.21
N LYS B 340 4.77 -19.55 0.87
CA LYS B 340 3.84 -18.69 0.11
C LYS B 340 2.92 -19.55 -0.75
N VAL B 341 1.61 -19.25 -0.68
CA VAL B 341 0.61 -19.83 -1.57
C VAL B 341 0.20 -18.74 -2.56
N TYR B 342 0.38 -19.02 -3.85
CA TYR B 342 0.06 -18.06 -4.91
C TYR B 342 -1.40 -18.31 -5.30
N ALA B 343 -2.31 -17.55 -4.70
CA ALA B 343 -3.73 -17.73 -4.89
C ALA B 343 -4.51 -16.56 -4.29
N ASP B 344 -5.71 -16.35 -4.81
CA ASP B 344 -6.72 -15.48 -4.22
C ASP B 344 -7.10 -15.98 -2.85
N ALA B 345 -6.87 -15.15 -1.83
CA ALA B 345 -7.13 -15.56 -0.45
C ALA B 345 -8.60 -15.80 -0.18
N SER B 346 -9.49 -15.30 -1.04
CA SER B 346 -10.92 -15.60 -0.81
C SER B 346 -11.19 -17.08 -0.98
N LEU B 347 -10.38 -17.77 -1.79
CA LEU B 347 -10.49 -19.22 -1.93
C LEU B 347 -9.78 -19.95 -0.80
N VAL B 348 -8.57 -19.57 -0.48
CA VAL B 348 -7.65 -20.37 0.33
CA VAL B 348 -7.79 -20.47 0.35
C VAL B 348 -7.82 -20.12 1.83
N PHE B 349 -8.08 -18.87 2.23
CA PHE B 349 -7.97 -18.63 3.66
C PHE B 349 -9.02 -19.38 4.48
N PRO B 350 -10.29 -19.47 4.05
CA PRO B 350 -11.25 -20.27 4.84
C PRO B 350 -10.82 -21.74 4.94
N LEU B 351 -10.25 -22.31 3.87
CA LEU B 351 -9.72 -23.68 3.93
C LEU B 351 -8.58 -23.79 4.93
N LEU B 352 -7.66 -22.83 4.91
CA LEU B 352 -6.56 -22.84 5.86
C LEU B 352 -7.05 -22.81 7.29
N VAL B 353 -8.03 -21.92 7.58
CA VAL B 353 -8.54 -21.79 8.95
C VAL B 353 -9.24 -23.09 9.37
N ALA B 354 -10.00 -23.70 8.46
CA ALA B 354 -10.68 -24.97 8.75
C ALA B 354 -9.71 -26.04 9.23
N GLU B 355 -8.50 -26.06 8.66
CA GLU B 355 -7.52 -27.11 8.94
C GLU B 355 -6.55 -26.75 10.06
N THR B 356 -6.66 -25.55 10.63
CA THR B 356 -5.71 -25.11 11.65
C THR B 356 -6.47 -24.60 12.86
N PHE B 357 -6.73 -23.29 12.91
CA PHE B 357 -7.32 -22.69 14.11
C PHE B 357 -8.64 -23.37 14.51
N ALA B 358 -9.51 -23.66 13.53
CA ALA B 358 -10.84 -24.15 13.89
C ALA B 358 -10.78 -25.54 14.52
N GLN B 359 -9.76 -26.34 14.19
CA GLN B 359 -9.56 -27.65 14.81
CA GLN B 359 -9.58 -27.64 14.82
C GLN B 359 -9.11 -27.55 16.27
N LYS B 360 -8.59 -26.40 16.69
CA LYS B 360 -8.06 -26.23 18.04
C LYS B 360 -8.89 -25.25 18.84
N MET B 361 -10.12 -25.02 18.40
CA MET B 361 -10.96 -24.04 19.08
C MET B 361 -11.09 -24.31 20.57
N ASP B 362 -11.21 -25.58 20.96
CA ASP B 362 -11.34 -25.92 22.37
CA ASP B 362 -11.34 -25.91 22.37
C ASP B 362 -10.27 -25.23 23.22
N ALA B 363 -9.03 -25.21 22.72
CA ALA B 363 -7.92 -24.66 23.49
C ALA B 363 -8.00 -23.15 23.67
N PHE B 364 -8.80 -22.46 22.86
CA PHE B 364 -8.88 -21.01 22.91
C PHE B 364 -10.08 -20.51 23.72
N MET B 365 -10.68 -21.35 24.54
CA MET B 365 -11.86 -20.95 25.27
C MET B 365 -11.78 -21.19 26.76
N1 SPD C . -14.02 7.80 -1.19
C2 SPD C . -13.41 7.03 -0.13
C3 SPD C . -13.50 5.52 -0.40
C4 SPD C . -12.94 5.16 -1.77
C5 SPD C . -12.82 3.64 -1.85
N6 SPD C . -12.33 3.23 -3.14
C7 SPD C . -11.92 1.83 -3.07
C8 SPD C . -12.19 1.19 -4.42
C9 SPD C . -11.98 -0.33 -4.46
N10 SPD C . -10.67 -0.72 -4.91
C1 EDO D . -5.67 23.14 3.81
O1 EDO D . -5.80 24.56 3.87
C2 EDO D . -4.79 22.66 4.97
O2 EDO D . -4.87 23.51 6.11
PA NAD E . 4.62 -2.77 -3.70
O1A NAD E . 6.07 -2.89 -4.00
O2A NAD E . 3.92 -3.52 -2.64
O5B NAD E . 3.77 -2.84 -5.06
C5B NAD E . 2.34 -2.70 -5.08
C4B NAD E . 1.92 -3.12 -6.47
O4B NAD E . 2.42 -2.12 -7.39
C3B NAD E . 2.54 -4.42 -7.01
O3B NAD E . 1.84 -5.56 -6.52
C2B NAD E . 2.42 -4.17 -8.54
O2B NAD E . 1.18 -4.67 -8.94
C1B NAD E . 2.68 -2.68 -8.64
N9A NAD E . 4.07 -2.49 -9.05
C8A NAD E . 5.20 -2.63 -8.29
N7A NAD E . 6.33 -2.53 -8.96
C5A NAD E . 5.91 -2.30 -10.26
C6A NAD E . 6.61 -2.11 -11.47
N6A NAD E . 7.94 -2.23 -11.57
N1A NAD E . 5.90 -1.90 -12.60
C2A NAD E . 4.55 -1.87 -12.50
N3A NAD E . 3.78 -2.07 -11.44
C4A NAD E . 4.52 -2.27 -10.33
O3 NAD E . 4.44 -1.18 -3.43
PN NAD E . 4.64 -0.21 -2.18
O1N NAD E . 3.28 0.05 -1.69
O2N NAD E . 5.45 0.95 -2.62
O5D NAD E . 5.48 -1.10 -1.11
C5D NAD E . 4.77 -1.60 0.04
C4D NAD E . 5.43 -1.09 1.30
O4D NAD E . 6.81 -1.56 1.31
C3D NAD E . 5.48 0.44 1.44
O3D NAD E . 4.87 0.90 2.65
C2D NAD E . 6.98 0.75 1.42
O2D NAD E . 7.42 1.88 2.17
C1D NAD E . 7.58 -0.58 1.96
N1N NAD E . 9.01 -0.64 1.62
C2N NAD E . 9.42 -1.09 0.45
C3N NAD E . 10.70 -0.82 -0.02
C7N NAD E . 11.04 -1.22 -1.43
O7N NAD E . 10.27 -1.94 -2.06
N7N NAD E . 12.16 -0.74 -1.94
C4N NAD E . 11.61 -0.17 0.85
C5N NAD E . 11.18 0.21 2.11
C6N NAD E . 9.90 -0.04 2.49
N1 SPD F . 14.25 -2.02 7.75
C2 SPD F . 13.85 -0.93 6.87
C3 SPD F . 13.98 -1.24 5.37
C4 SPD F . 13.22 -2.51 4.96
C5 SPD F . 13.15 -2.57 3.44
N6 SPD F . 12.51 -3.80 3.04
C7 SPD F . 12.06 -3.65 1.66
C8 SPD F . 12.65 -4.79 0.86
C9 SPD F . 12.31 -4.60 -0.61
N10 SPD F . 11.09 -5.32 -0.90
C1 MRD G . -20.40 -40.72 2.48
C2 MRD G . -19.13 -41.35 1.91
O2 MRD G . -19.36 -41.87 0.58
CM MRD G . -18.09 -40.26 1.80
C3 MRD G . -18.62 -42.50 2.79
C4 MRD G . -17.33 -43.12 2.28
O4 MRD G . -17.55 -43.61 0.97
C5 MRD G . -16.84 -44.25 3.18
PA NAD H . -4.43 -3.60 -2.78
O1A NAD H . -5.88 -3.85 -2.98
O2A NAD H . -3.73 -2.56 -3.56
O5B NAD H . -3.66 -5.02 -3.00
C5B NAD H . -2.21 -5.06 -2.87
C4B NAD H . -1.78 -6.40 -3.41
O4B NAD H . -2.26 -7.37 -2.45
C3B NAD H . -2.39 -6.86 -4.74
O3B NAD H . -1.66 -6.29 -5.82
C2B NAD H . -2.25 -8.39 -4.60
O2B NAD H . -0.98 -8.78 -5.07
C1B NAD H . -2.51 -8.59 -3.10
N9A NAD H . -3.90 -9.02 -2.93
C8A NAD H . -5.03 -8.24 -3.07
N7A NAD H . -6.15 -8.92 -2.99
C5A NAD H . -5.75 -10.23 -2.80
C6A NAD H . -6.46 -11.45 -2.68
N6A NAD H . -7.79 -11.54 -2.74
N1A NAD H . -5.74 -12.59 -2.52
C2A NAD H . -4.41 -12.50 -2.51
N3A NAD H . -3.63 -11.42 -2.64
C4A NAD H . -4.37 -10.30 -2.79
O3 NAD H . -4.17 -3.45 -1.21
PN NAD H . -4.36 -2.29 -0.10
O1N NAD H . -2.99 -1.91 0.25
O2N NAD H . -5.25 -2.84 0.96
O5D NAD H . -5.16 -1.14 -0.92
C5D NAD H . -4.55 0.08 -1.38
C4D NAD H . -5.25 1.27 -0.76
O4D NAD H . -6.63 1.30 -1.15
C3D NAD H . -5.25 1.26 0.78
O3D NAD H . -4.66 2.43 1.31
C2D NAD H . -6.74 1.20 1.12
O2D NAD H . -7.14 1.87 2.30
C1D NAD H . -7.40 1.87 -0.11
N1N NAD H . -8.82 1.53 -0.19
C2N NAD H . -9.22 0.38 -0.75
C3N NAD H . -10.50 -0.09 -0.52
C7N NAD H . -10.83 -1.47 -1.04
O7N NAD H . -10.03 -2.04 -1.80
N7N NAD H . -11.95 -2.03 -0.62
C4N NAD H . -11.42 0.74 0.13
C5N NAD H . -11.02 1.98 0.62
C6N NAD H . -9.72 2.37 0.43
#